data_1Y6F
#
_entry.id   1Y6F
#
_cell.length_a   47.363
_cell.length_b   123.964
_cell.length_c   86.628
_cell.angle_alpha   90.00
_cell.angle_beta   101.83
_cell.angle_gamma   90.00
#
_symmetry.space_group_name_H-M   'P 1 21 1'
#
loop_
_entity.id
_entity.type
_entity.pdbx_description
1 polymer "5'-D(*GP*AP*TP*AP*CP*TP*(3DR)P*AP*GP*AP*TP*AP*G)-3'"
2 polymer "5'-D(*CP*TP*AP*TP*CP*TP*GP*AP*GP*TP*AP*TP*C)-3'"
3 polymer 'DNA alpha-glucosyltransferase'
4 non-polymer "URIDINE-5'-DIPHOSPHATE-GLUCOSE"
5 non-polymer GLYCEROL
6 non-polymer DI(HYDROXYETHYL)ETHER
7 non-polymer "URIDINE-5'-DIPHOSPHATE"
8 water water
#
loop_
_entity_poly.entity_id
_entity_poly.type
_entity_poly.pdbx_seq_one_letter_code
_entity_poly.pdbx_strand_id
1 'polydeoxyribonucleotide' (DG)(DA)(DT)(DA)(DC)(DT)(3DR)(DA)(DG)(DA)(DT)(DA)(DG) C
2 'polydeoxyribonucleotide' (DC)(DT)(DA)(DT)(DC)(DT)(DG)(DA)(DG)(DT)(DA)(DT)(DC) D
3 'polypeptide(L)'
;MGSMRICIFMARGLEGCGVTKFSLEQRDWFIKNGHEVTLVYAKDKSFTRTSSHDHKSFSIPVILAKEYDKALKLVNDCDI
LIINSVPATSVQEATINNYKKLLDNIKPSIRVVVYQHDHSVLSLRRNLGLEETVRRADVIFSHSDNGDFNKVLMKEWYPE
TVSLFDDIEEAPTVYNFQPPMDIVKVRSTYWKDVSEINMNINRWIGRTTTWKGFYQMFDFHEKFLKPAGKSTVMEGLERS
PAFIAIKEKGIPYEYYGNREIDKMNLAPNQPAQILDCYINSEMLERMSKSGFGYQLSKLNQKYLQRSLEYTHLELGACGT
IPVFWKSTGENLKFRVDNTPLTSHDSGIIWFDENDMESTFERIKELSSDRALYDREREKAYEFLYQHQDSSFCFKEQFDI
ITK
;
A,B
#
loop_
_chem_comp.id
_chem_comp.type
_chem_comp.name
_chem_comp.formula
3DR DNA linking 1',2'-DIDEOXYRIBOFURANOSE-5'-PHOSPHATE 'C5 H11 O6 P'
DA DNA linking 2'-DEOXYADENOSINE-5'-MONOPHOSPHATE 'C10 H14 N5 O6 P'
DC DNA linking 2'-DEOXYCYTIDINE-5'-MONOPHOSPHATE 'C9 H14 N3 O7 P'
DG DNA linking 2'-DEOXYGUANOSINE-5'-MONOPHOSPHATE 'C10 H14 N5 O7 P'
DT DNA linking THYMIDINE-5'-MONOPHOSPHATE 'C10 H15 N2 O8 P'
GOL non-polymer GLYCEROL 'C3 H8 O3'
PEG non-polymer DI(HYDROXYETHYL)ETHER 'C4 H10 O3'
UDP RNA linking URIDINE-5'-DIPHOSPHATE 'C9 H14 N2 O12 P2'
UPG non-polymer URIDINE-5'-DIPHOSPHATE-GLUCOSE 'C15 H24 N2 O17 P2'
#
# COMPACT_ATOMS: atom_id res chain seq x y z
O5' 3DR A 7 5.57 10.91 -14.74
P 3DR A 7 5.87 11.98 -13.61
OP1 3DR A 7 5.03 11.63 -12.42
OP2 3DR A 7 7.34 12.11 -13.44
C2' 3DR A 7 5.38 6.71 -16.12
C5' 3DR A 7 5.54 9.52 -14.43
C4' 3DR A 7 4.55 8.80 -15.32
O4' 3DR A 7 4.96 8.94 -16.70
C1' 3DR A 7 5.21 7.66 -17.28
C3' 3DR A 7 4.46 7.30 -15.07
O3' 3DR A 7 3.11 6.84 -15.26
N MET C 1 29.05 -8.32 -36.71
CA MET C 1 30.05 -9.28 -37.24
C MET C 1 30.83 -9.97 -36.12
N GLY C 2 30.18 -10.10 -34.97
CA GLY C 2 30.81 -10.74 -33.82
C GLY C 2 29.91 -10.63 -32.60
N SER C 3 30.05 -11.56 -31.67
CA SER C 3 29.25 -11.57 -30.46
C SER C 3 29.78 -10.68 -29.33
N MET C 4 28.93 -9.83 -28.79
CA MET C 4 29.34 -8.93 -27.71
C MET C 4 28.59 -9.11 -26.41
N ARG C 5 29.05 -8.42 -25.37
CA ARG C 5 28.43 -8.47 -24.05
C ARG C 5 27.67 -7.14 -23.86
N ILE C 6 26.40 -7.23 -23.50
CA ILE C 6 25.54 -6.07 -23.34
C ILE C 6 24.98 -5.89 -21.93
N CYS C 7 24.95 -4.65 -21.46
CA CYS C 7 24.36 -4.35 -20.17
C CYS C 7 23.29 -3.29 -20.38
N ILE C 8 22.04 -3.64 -20.08
CA ILE C 8 20.92 -2.71 -20.23
C ILE C 8 20.69 -2.12 -18.85
N PHE C 9 20.82 -0.81 -18.74
CA PHE C 9 20.71 -0.10 -17.47
C PHE C 9 19.54 0.86 -17.42
N MET C 10 18.72 0.72 -16.38
CA MET C 10 17.58 1.60 -16.16
C MET C 10 17.80 2.29 -14.82
N ALA C 11 18.36 3.49 -14.87
CA ALA C 11 18.66 4.24 -13.66
C ALA C 11 17.45 4.85 -12.96
N ARG C 12 16.33 4.97 -13.66
CA ARG C 12 15.12 5.53 -13.04
C ARG C 12 14.53 4.46 -12.13
N GLY C 13 14.77 3.21 -12.48
CA GLY C 13 14.26 2.09 -11.72
C GLY C 13 13.40 1.27 -12.67
N LEU C 14 12.80 0.18 -12.20
CA LEU C 14 11.96 -0.61 -13.08
C LEU C 14 10.51 -0.17 -12.89
N GLU C 15 10.03 0.71 -13.78
CA GLU C 15 8.67 1.25 -13.68
C GLU C 15 7.51 0.39 -14.17
N GLY C 16 7.78 -0.54 -15.06
CA GLY C 16 6.72 -1.40 -15.53
C GLY C 16 5.88 -0.88 -16.71
N CYS C 17 6.41 0.09 -17.45
CA CYS C 17 5.68 0.61 -18.60
C CYS C 17 6.54 0.53 -19.85
N GLY C 18 6.46 1.55 -20.70
CA GLY C 18 7.23 1.57 -21.94
C GLY C 18 8.72 1.29 -21.89
N VAL C 19 9.42 1.97 -20.98
CA VAL C 19 10.85 1.79 -20.85
C VAL C 19 11.19 0.36 -20.41
N THR C 20 10.43 -0.18 -19.47
CA THR C 20 10.68 -1.54 -19.01
C THR C 20 10.41 -2.51 -20.15
N LYS C 21 9.35 -2.25 -20.90
CA LYS C 21 9.01 -3.12 -22.01
C LYS C 21 10.07 -3.06 -23.11
N PHE C 22 10.62 -1.88 -23.35
CA PHE C 22 11.63 -1.75 -24.40
C PHE C 22 12.88 -2.52 -24.02
N SER C 23 13.28 -2.40 -22.77
CA SER C 23 14.47 -3.09 -22.27
C SER C 23 14.36 -4.59 -22.41
N LEU C 24 13.21 -5.12 -22.00
CA LEU C 24 12.99 -6.55 -22.07
C LEU C 24 12.99 -7.01 -23.51
N GLU C 25 12.42 -6.17 -24.37
CA GLU C 25 12.33 -6.49 -25.79
C GLU C 25 13.71 -6.32 -26.40
N GLN C 26 14.52 -5.46 -25.79
CA GLN C 26 15.89 -5.23 -26.26
C GLN C 26 16.72 -6.46 -25.86
N ARG C 27 16.56 -6.89 -24.61
CA ARG C 27 17.26 -8.06 -24.11
C ARG C 27 16.97 -9.30 -24.94
N ASP C 28 15.70 -9.56 -25.24
CA ASP C 28 15.35 -10.74 -26.02
C ASP C 28 16.00 -10.73 -27.40
N TRP C 29 16.01 -9.57 -28.05
CA TRP C 29 16.61 -9.48 -29.37
C TRP C 29 18.11 -9.77 -29.31
N PHE C 30 18.80 -9.14 -28.36
CA PHE C 30 20.23 -9.39 -28.29
C PHE C 30 20.50 -10.86 -28.01
N ILE C 31 19.79 -11.45 -27.07
CA ILE C 31 20.01 -12.86 -26.77
C ILE C 31 19.75 -13.71 -28.03
N LYS C 32 18.63 -13.47 -28.69
CA LYS C 32 18.30 -14.23 -29.89
C LYS C 32 19.34 -14.06 -31.00
N ASN C 33 20.10 -12.98 -30.98
CA ASN C 33 21.10 -12.75 -32.02
C ASN C 33 22.52 -13.11 -31.63
N GLY C 34 22.67 -13.90 -30.56
CA GLY C 34 23.99 -14.36 -30.16
C GLY C 34 24.78 -13.62 -29.10
N HIS C 35 24.20 -12.56 -28.54
CA HIS C 35 24.91 -11.77 -27.53
C HIS C 35 24.52 -12.11 -26.10
N GLU C 36 25.43 -11.87 -25.16
CA GLU C 36 25.17 -12.09 -23.75
C GLU C 36 24.59 -10.78 -23.22
N VAL C 37 23.60 -10.87 -22.34
CA VAL C 37 22.95 -9.68 -21.80
C VAL C 37 22.69 -9.74 -20.29
N THR C 38 22.80 -8.58 -19.66
CA THR C 38 22.54 -8.41 -18.25
C THR C 38 21.63 -7.18 -18.16
N LEU C 39 20.50 -7.32 -17.49
CA LEU C 39 19.55 -6.24 -17.31
C LEU C 39 19.67 -5.76 -15.87
N VAL C 40 20.11 -4.53 -15.69
CA VAL C 40 20.31 -3.96 -14.36
C VAL C 40 19.43 -2.75 -14.12
N TYR C 41 18.86 -2.65 -12.93
CA TYR C 41 18.04 -1.49 -12.60
C TYR C 41 18.30 -1.01 -11.18
N ALA C 42 18.13 0.29 -10.99
CA ALA C 42 18.29 0.92 -9.69
C ALA C 42 16.99 0.84 -8.88
N LYS C 43 17.03 0.26 -7.68
CA LYS C 43 15.81 0.17 -6.86
C LYS C 43 15.63 1.27 -5.81
N ASP C 44 16.43 2.33 -5.94
CA ASP C 44 16.33 3.47 -5.02
C ASP C 44 14.88 3.95 -4.90
N LYS C 45 14.17 3.95 -6.02
CA LYS C 45 12.77 4.35 -6.05
C LYS C 45 11.92 3.16 -6.53
N SER C 46 10.77 2.95 -5.91
CA SER C 46 9.92 1.83 -6.29
C SER C 46 8.69 2.26 -7.09
N PHE C 47 8.05 1.30 -7.75
CA PHE C 47 6.87 1.59 -8.56
C PHE C 47 5.77 0.54 -8.43
N THR C 48 4.54 1.02 -8.56
CA THR C 48 3.34 0.22 -8.47
C THR C 48 3.35 -0.91 -9.49
N ARG C 49 3.45 -0.51 -10.77
CA ARG C 49 3.43 -1.42 -11.91
C ARG C 49 4.73 -2.19 -12.16
N THR C 50 5.43 -2.51 -11.08
CA THR C 50 6.71 -3.22 -11.15
C THR C 50 6.62 -4.67 -11.62
N SER C 51 5.44 -5.27 -11.56
CA SER C 51 5.30 -6.67 -11.97
C SER C 51 4.51 -6.89 -13.27
N SER C 52 4.14 -5.79 -13.93
CA SER C 52 3.39 -5.88 -15.17
C SER C 52 4.03 -6.81 -16.19
N HIS C 53 5.36 -6.88 -16.19
CA HIS C 53 6.07 -7.76 -17.13
C HIS C 53 6.90 -8.76 -16.32
N ASP C 54 7.15 -9.93 -16.88
CA ASP C 54 7.93 -10.92 -16.15
C ASP C 54 9.43 -10.74 -16.42
N HIS C 55 10.13 -10.25 -15.40
CA HIS C 55 11.56 -9.97 -15.48
C HIS C 55 12.27 -10.48 -14.21
N LYS C 56 11.48 -10.62 -13.14
CA LYS C 56 11.97 -11.05 -11.82
C LYS C 56 13.02 -12.16 -11.77
N SER C 57 12.99 -13.08 -12.73
CA SER C 57 13.94 -14.19 -12.75
C SER C 57 15.33 -13.87 -13.33
N PHE C 58 15.47 -12.76 -14.05
CA PHE C 58 16.76 -12.44 -14.64
C PHE C 58 17.27 -11.03 -14.39
N SER C 59 16.37 -10.11 -14.07
CA SER C 59 16.78 -8.74 -13.83
C SER C 59 17.61 -8.66 -12.56
N ILE C 60 18.52 -7.70 -12.51
CA ILE C 60 19.39 -7.51 -11.37
C ILE C 60 19.21 -6.15 -10.70
N PRO C 61 18.61 -6.12 -9.50
CA PRO C 61 18.42 -4.83 -8.83
C PRO C 61 19.69 -4.35 -8.13
N VAL C 62 19.78 -3.06 -7.87
CA VAL C 62 20.95 -2.48 -7.24
C VAL C 62 20.58 -1.13 -6.65
N ILE C 63 21.06 -0.88 -5.44
CA ILE C 63 20.77 0.38 -4.76
C ILE C 63 21.96 1.30 -4.96
N LEU C 64 21.85 2.22 -5.90
CA LEU C 64 22.92 3.16 -6.21
C LEU C 64 23.36 3.95 -4.98
N ALA C 65 22.39 4.38 -4.18
CA ALA C 65 22.65 5.16 -2.98
C ALA C 65 23.62 4.48 -2.02
N LYS C 66 23.66 3.14 -2.01
CA LYS C 66 24.57 2.44 -1.12
C LYS C 66 25.09 1.09 -1.63
N GLU C 67 25.46 1.05 -2.90
CA GLU C 67 26.03 -0.16 -3.52
C GLU C 67 26.86 0.26 -4.72
N TYR C 68 27.41 1.47 -4.68
CA TYR C 68 28.21 1.97 -5.79
C TYR C 68 29.13 0.93 -6.42
N ASP C 69 29.85 0.19 -5.59
CA ASP C 69 30.78 -0.81 -6.12
C ASP C 69 30.13 -1.89 -6.94
N LYS C 70 29.12 -2.56 -6.40
CA LYS C 70 28.46 -3.59 -7.20
C LYS C 70 27.99 -2.95 -8.50
N ALA C 71 27.41 -1.76 -8.41
CA ALA C 71 26.90 -1.06 -9.59
C ALA C 71 28.02 -0.86 -10.62
N LEU C 72 29.14 -0.29 -10.17
CA LEU C 72 30.29 -0.04 -11.03
C LEU C 72 30.80 -1.34 -11.64
N LYS C 73 30.81 -2.39 -10.83
CA LYS C 73 31.29 -3.69 -11.28
C LYS C 73 30.38 -4.26 -12.36
N LEU C 74 29.07 -4.01 -12.25
CA LEU C 74 28.13 -4.51 -13.25
C LEU C 74 28.21 -3.73 -14.57
N VAL C 75 28.05 -2.41 -14.49
CA VAL C 75 28.08 -1.55 -15.66
C VAL C 75 29.42 -1.58 -16.41
N ASN C 76 30.47 -2.12 -15.79
CA ASN C 76 31.76 -2.20 -16.49
C ASN C 76 32.03 -3.55 -17.08
N ASP C 77 31.10 -4.48 -16.88
CA ASP C 77 31.26 -5.82 -17.41
C ASP C 77 30.40 -6.01 -18.66
N CYS C 78 30.80 -5.35 -19.74
CA CYS C 78 30.09 -5.42 -21.02
C CYS C 78 30.96 -4.78 -22.09
N ASP C 79 30.43 -4.72 -23.30
CA ASP C 79 31.13 -4.10 -24.39
C ASP C 79 30.29 -2.88 -24.76
N ILE C 80 28.98 -3.02 -24.54
CA ILE C 80 28.00 -1.97 -24.83
C ILE C 80 27.11 -1.74 -23.62
N LEU C 81 27.07 -0.50 -23.16
CA LEU C 81 26.27 -0.13 -22.01
C LEU C 81 25.14 0.72 -22.57
N ILE C 82 23.93 0.26 -22.35
CA ILE C 82 22.73 0.92 -22.83
C ILE C 82 21.91 1.46 -21.67
N ILE C 83 21.85 2.78 -21.53
CA ILE C 83 21.08 3.40 -20.46
C ILE C 83 19.73 3.87 -21.01
N ASN C 84 18.63 3.31 -20.48
CA ASN C 84 17.30 3.67 -20.94
C ASN C 84 16.53 4.66 -20.08
N SER C 85 17.04 4.94 -18.89
CA SER C 85 16.38 5.86 -17.98
C SER C 85 17.41 6.33 -16.99
N VAL C 86 17.22 7.55 -16.45
CA VAL C 86 18.14 8.12 -15.46
C VAL C 86 17.39 8.47 -14.17
N PRO C 87 18.08 8.47 -13.03
CA PRO C 87 17.42 8.79 -11.75
C PRO C 87 16.39 9.91 -11.82
N ALA C 88 15.29 9.71 -11.11
CA ALA C 88 14.19 10.67 -11.08
C ALA C 88 14.52 11.83 -10.14
N THR C 89 13.83 12.95 -10.34
CA THR C 89 14.02 14.14 -9.53
C THR C 89 13.33 13.98 -8.16
N SER C 90 13.86 13.06 -7.34
CA SER C 90 13.30 12.78 -6.02
C SER C 90 13.95 11.54 -5.44
N VAL C 91 15.15 11.23 -5.89
CA VAL C 91 15.85 10.04 -5.44
C VAL C 91 16.64 10.18 -4.14
N GLN C 92 17.18 11.38 -3.88
CA GLN C 92 17.99 11.70 -2.70
C GLN C 92 19.44 11.90 -3.12
N GLU C 93 20.09 12.93 -2.58
CA GLU C 93 21.48 13.25 -2.88
C GLU C 93 22.40 12.06 -3.18
N ALA C 94 22.44 11.06 -2.30
CA ALA C 94 23.30 9.91 -2.50
C ALA C 94 23.07 9.19 -3.82
N THR C 95 21.81 8.98 -4.19
CA THR C 95 21.51 8.28 -5.43
C THR C 95 22.02 8.97 -6.69
N ILE C 96 21.61 10.22 -6.90
CA ILE C 96 22.02 10.96 -8.08
C ILE C 96 23.51 11.24 -8.05
N ASN C 97 24.11 11.16 -6.86
CA ASN C 97 25.54 11.39 -6.72
C ASN C 97 26.33 10.17 -7.21
N ASN C 98 25.97 8.99 -6.71
CA ASN C 98 26.65 7.76 -7.12
C ASN C 98 26.40 7.47 -8.60
N TYR C 99 25.22 7.80 -9.10
CA TYR C 99 24.93 7.55 -10.50
C TYR C 99 25.82 8.43 -11.37
N LYS C 100 26.11 9.66 -10.91
CA LYS C 100 26.97 10.56 -11.65
C LYS C 100 28.41 10.09 -11.59
N LYS C 101 28.77 9.43 -10.49
CA LYS C 101 30.14 8.93 -10.31
C LYS C 101 30.34 7.70 -11.19
N LEU C 102 29.25 6.99 -11.47
CA LEU C 102 29.28 5.81 -12.30
C LEU C 102 29.62 6.23 -13.74
N LEU C 103 29.01 7.30 -14.22
CA LEU C 103 29.28 7.79 -15.57
C LEU C 103 30.72 8.29 -15.74
N ASP C 104 31.40 8.53 -14.63
CA ASP C 104 32.78 9.00 -14.66
C ASP C 104 33.76 7.85 -14.56
N ASN C 105 33.28 6.64 -14.32
CA ASN C 105 34.16 5.50 -14.19
C ASN C 105 33.83 4.31 -15.06
N ILE C 106 33.27 4.58 -16.24
CA ILE C 106 32.94 3.54 -17.20
C ILE C 106 34.18 3.39 -18.06
N LYS C 107 34.88 2.26 -17.96
CA LYS C 107 36.12 2.05 -18.71
C LYS C 107 36.01 2.49 -20.17
N PRO C 108 37.15 2.83 -20.81
CA PRO C 108 37.24 3.29 -22.21
C PRO C 108 36.81 2.32 -23.29
N SER C 109 37.00 1.03 -23.05
CA SER C 109 36.60 0.03 -24.02
C SER C 109 35.11 -0.32 -23.97
N ILE C 110 34.28 0.62 -23.54
CA ILE C 110 32.84 0.35 -23.47
C ILE C 110 32.09 1.42 -24.23
N ARG C 111 31.24 1.01 -25.18
CA ARG C 111 30.50 2.00 -25.93
C ARG C 111 29.16 2.30 -25.26
N VAL C 112 29.00 3.52 -24.77
CA VAL C 112 27.79 3.93 -24.07
C VAL C 112 26.68 4.40 -24.99
N VAL C 113 25.56 3.69 -24.95
CA VAL C 113 24.41 4.00 -25.78
C VAL C 113 23.29 4.55 -24.92
N VAL C 114 22.71 5.67 -25.34
CA VAL C 114 21.63 6.29 -24.58
C VAL C 114 20.33 6.48 -25.37
N TYR C 115 19.24 5.95 -24.83
CA TYR C 115 17.94 6.07 -25.45
C TYR C 115 17.11 7.00 -24.59
N GLN C 116 16.45 7.94 -25.25
CA GLN C 116 15.58 8.88 -24.54
C GLN C 116 14.17 8.45 -24.96
N HIS C 117 13.42 7.90 -24.01
CA HIS C 117 12.07 7.40 -24.29
C HIS C 117 10.90 8.34 -24.01
N ASP C 118 11.16 9.51 -23.42
CA ASP C 118 10.10 10.46 -23.12
C ASP C 118 9.78 11.41 -24.27
N HIS C 119 8.66 12.11 -24.15
CA HIS C 119 8.21 13.03 -25.19
C HIS C 119 8.21 14.49 -24.79
N SER C 120 7.26 14.84 -23.94
CA SER C 120 7.10 16.21 -23.47
C SER C 120 8.22 16.73 -22.56
N VAL C 121 8.56 18.01 -22.72
CA VAL C 121 9.59 18.67 -21.91
C VAL C 121 9.29 18.50 -20.44
N LEU C 122 7.99 18.53 -20.09
CA LEU C 122 7.57 18.37 -18.71
C LEU C 122 8.11 17.07 -18.11
N SER C 123 8.13 16.01 -18.91
CA SER C 123 8.66 14.73 -18.44
C SER C 123 10.18 14.81 -18.42
N LEU C 124 10.75 15.27 -19.54
CA LEU C 124 12.19 15.40 -19.67
C LEU C 124 12.82 16.17 -18.53
N ARG C 125 12.06 17.12 -17.98
CA ARG C 125 12.56 17.96 -16.88
C ARG C 125 12.66 17.24 -15.56
N ARG C 126 11.91 16.16 -15.38
CA ARG C 126 11.97 15.44 -14.11
C ARG C 126 13.08 14.41 -14.05
N ASN C 127 14.12 14.64 -14.83
CA ASN C 127 15.26 13.74 -14.88
C ASN C 127 16.48 14.37 -14.23
N LEU C 128 17.29 13.56 -13.57
CA LEU C 128 18.52 14.01 -12.94
C LEU C 128 19.70 13.27 -13.56
N GLY C 129 20.66 14.02 -14.09
CA GLY C 129 21.81 13.39 -14.72
C GLY C 129 21.65 13.19 -16.21
N LEU C 130 20.51 13.62 -16.75
CA LEU C 130 20.28 13.43 -18.17
C LEU C 130 21.30 14.18 -19.01
N GLU C 131 21.84 15.27 -18.49
CA GLU C 131 22.83 16.03 -19.27
C GLU C 131 24.18 15.32 -19.25
N GLU C 132 24.59 14.84 -18.08
CA GLU C 132 25.85 14.13 -17.96
C GLU C 132 25.75 12.84 -18.78
N THR C 133 24.61 12.15 -18.66
CA THR C 133 24.38 10.91 -19.39
C THR C 133 24.56 11.12 -20.89
N VAL C 134 23.97 12.19 -21.42
CA VAL C 134 24.06 12.50 -22.84
C VAL C 134 25.49 12.84 -23.30
N ARG C 135 26.24 13.62 -22.51
CA ARG C 135 27.61 13.98 -22.88
C ARG C 135 28.54 12.77 -22.88
N ARG C 136 28.29 11.81 -22.00
CA ARG C 136 29.12 10.60 -21.91
C ARG C 136 28.78 9.58 -23.00
N ALA C 137 27.60 9.71 -23.59
CA ALA C 137 27.16 8.78 -24.63
C ALA C 137 27.94 8.86 -25.95
N ASP C 138 28.11 7.71 -26.58
CA ASP C 138 28.81 7.61 -27.86
C ASP C 138 27.73 7.55 -28.92
N VAL C 139 26.52 7.23 -28.49
CA VAL C 139 25.36 7.14 -29.39
C VAL C 139 24.11 7.57 -28.63
N ILE C 140 23.24 8.33 -29.31
CA ILE C 140 22.00 8.81 -28.70
C ILE C 140 20.82 8.59 -29.64
N PHE C 141 19.67 8.25 -29.07
CA PHE C 141 18.46 8.02 -29.86
C PHE C 141 17.33 8.82 -29.23
N SER C 142 16.29 9.12 -30.02
CA SER C 142 15.09 9.82 -29.53
C SER C 142 13.94 9.41 -30.45
N HIS C 143 12.71 9.69 -30.03
CA HIS C 143 11.55 9.34 -30.84
C HIS C 143 11.31 10.30 -32.02
N SER C 144 11.89 11.49 -31.97
CA SER C 144 11.65 12.45 -33.04
C SER C 144 12.70 13.54 -33.19
N ASP C 145 13.10 13.79 -34.44
CA ASP C 145 14.09 14.83 -34.70
C ASP C 145 13.52 16.20 -34.33
N ASN C 146 12.19 16.29 -34.31
CA ASN C 146 11.51 17.54 -33.97
C ASN C 146 10.83 17.49 -32.61
N GLY C 147 11.19 16.50 -31.81
CA GLY C 147 10.61 16.41 -30.48
C GLY C 147 11.34 17.36 -29.56
N ASP C 148 10.80 17.58 -28.37
CA ASP C 148 11.43 18.49 -27.40
C ASP C 148 12.87 18.14 -27.03
N PHE C 149 13.16 16.87 -26.78
CA PHE C 149 14.52 16.47 -26.42
C PHE C 149 15.53 17.02 -27.43
N ASN C 150 15.19 16.95 -28.71
CA ASN C 150 16.05 17.42 -29.78
C ASN C 150 16.09 18.93 -29.96
N LYS C 151 14.92 19.55 -30.13
CA LYS C 151 14.85 20.99 -30.36
C LYS C 151 15.05 21.91 -29.15
N VAL C 152 14.74 21.44 -27.94
CA VAL C 152 14.92 22.31 -26.79
C VAL C 152 16.02 21.87 -25.83
N LEU C 153 15.96 20.66 -25.30
CA LEU C 153 17.01 20.24 -24.38
C LEU C 153 18.41 20.15 -24.98
N MET C 154 18.53 19.67 -26.22
CA MET C 154 19.84 19.56 -26.85
C MET C 154 20.39 20.94 -27.24
N LYS C 155 19.52 21.95 -27.16
CA LYS C 155 19.92 23.30 -27.50
C LYS C 155 20.50 23.94 -26.24
N GLU C 156 19.94 23.59 -25.08
CA GLU C 156 20.42 24.14 -23.81
C GLU C 156 21.81 23.64 -23.43
N TRP C 157 22.19 22.47 -23.93
CA TRP C 157 23.50 21.92 -23.59
C TRP C 157 24.57 22.16 -24.66
N TYR C 158 24.13 22.41 -25.88
CA TYR C 158 25.04 22.64 -27.00
C TYR C 158 24.64 23.90 -27.78
N PRO C 159 24.73 25.08 -27.15
CA PRO C 159 24.36 26.35 -27.80
C PRO C 159 25.11 26.64 -29.10
N GLU C 169 30.27 23.87 -28.76
CA GLU C 169 31.32 23.20 -29.51
C GLU C 169 30.85 21.90 -30.16
N GLU C 170 29.87 22.01 -31.06
CA GLU C 170 29.32 20.87 -31.78
C GLU C 170 28.46 19.91 -30.96
N ALA C 171 27.20 19.79 -31.36
CA ALA C 171 26.24 18.90 -30.69
C ALA C 171 26.21 17.52 -31.35
N PRO C 172 26.26 16.46 -30.53
CA PRO C 172 26.23 15.07 -31.00
C PRO C 172 25.02 14.82 -31.90
N THR C 173 25.11 13.82 -32.77
CA THR C 173 23.98 13.49 -33.63
C THR C 173 22.98 12.72 -32.76
N VAL C 174 21.70 12.87 -33.05
CA VAL C 174 20.66 12.14 -32.32
C VAL C 174 19.92 11.35 -33.38
N TYR C 175 20.05 10.02 -33.32
CA TYR C 175 19.38 9.17 -34.29
C TYR C 175 17.97 8.86 -33.81
N ASN C 176 17.10 8.58 -34.76
CA ASN C 176 15.72 8.25 -34.48
C ASN C 176 15.58 6.75 -34.31
N PHE C 177 14.68 6.32 -33.44
CA PHE C 177 14.48 4.88 -33.28
C PHE C 177 13.02 4.63 -33.07
N GLN C 178 12.64 3.35 -33.09
CA GLN C 178 11.27 2.94 -32.87
C GLN C 178 11.32 1.91 -31.76
N PRO C 179 10.36 1.97 -30.83
CA PRO C 179 10.38 0.97 -29.74
C PRO C 179 9.79 -0.31 -30.33
N PRO C 180 10.65 -1.26 -30.70
CA PRO C 180 10.23 -2.53 -31.29
C PRO C 180 9.74 -3.59 -30.32
N MET C 181 9.10 -4.60 -30.87
CA MET C 181 8.57 -5.73 -30.12
C MET C 181 8.48 -6.92 -31.06
N ASP C 182 8.69 -8.12 -30.53
CA ASP C 182 8.60 -9.33 -31.35
C ASP C 182 7.12 -9.66 -31.50
N ILE C 183 6.52 -9.08 -32.53
CA ILE C 183 5.10 -9.26 -32.78
C ILE C 183 4.65 -10.71 -32.95
N VAL C 184 5.46 -11.52 -33.62
CA VAL C 184 5.12 -12.92 -33.85
C VAL C 184 4.97 -13.72 -32.56
N LYS C 185 5.87 -13.49 -31.62
CA LYS C 185 5.82 -14.18 -30.34
C LYS C 185 4.43 -13.98 -29.71
N VAL C 186 3.96 -12.74 -29.70
CA VAL C 186 2.65 -12.42 -29.15
C VAL C 186 1.54 -13.10 -29.92
N ARG C 187 1.49 -12.89 -31.24
CA ARG C 187 0.44 -13.50 -32.06
C ARG C 187 0.37 -15.00 -31.85
N SER C 188 1.46 -15.68 -32.20
CA SER C 188 1.55 -17.12 -32.08
C SER C 188 1.19 -17.60 -30.67
N THR C 189 1.11 -16.67 -29.71
CA THR C 189 0.80 -17.01 -28.32
C THR C 189 -0.62 -16.68 -27.84
N TYR C 190 -1.25 -15.65 -28.38
CA TYR C 190 -2.59 -15.28 -27.92
C TYR C 190 -3.71 -15.24 -28.97
N TRP C 191 -3.34 -15.12 -30.23
CA TRP C 191 -4.32 -15.07 -31.30
C TRP C 191 -5.39 -16.15 -31.12
N LYS C 192 -6.64 -15.79 -31.38
CA LYS C 192 -7.75 -16.74 -31.24
C LYS C 192 -8.56 -16.85 -32.54
N ASP C 193 -9.35 -17.91 -32.66
CA ASP C 193 -10.17 -18.08 -33.85
C ASP C 193 -11.28 -17.05 -33.75
N VAL C 194 -11.76 -16.54 -34.87
CA VAL C 194 -12.79 -15.51 -34.84
C VAL C 194 -14.04 -15.86 -34.05
N SER C 195 -14.23 -17.14 -33.75
CA SER C 195 -15.41 -17.57 -33.00
C SER C 195 -15.30 -17.28 -31.50
N GLU C 196 -14.08 -17.29 -30.96
CA GLU C 196 -13.86 -17.04 -29.54
C GLU C 196 -13.89 -15.58 -29.12
N ILE C 197 -14.08 -14.68 -30.09
CA ILE C 197 -14.11 -13.25 -29.81
C ILE C 197 -15.51 -12.72 -29.48
N ASN C 198 -15.59 -11.87 -28.45
CA ASN C 198 -16.86 -11.27 -28.02
C ASN C 198 -16.97 -9.87 -28.65
N MET C 199 -17.62 -9.81 -29.80
CA MET C 199 -17.80 -8.56 -30.53
C MET C 199 -18.44 -7.41 -29.78
N ASN C 200 -18.83 -7.63 -28.54
CA ASN C 200 -19.47 -6.56 -27.78
C ASN C 200 -18.63 -6.01 -26.67
N ILE C 201 -17.39 -6.48 -26.57
CA ILE C 201 -16.50 -5.97 -25.55
C ILE C 201 -15.47 -5.05 -26.19
N ASN C 202 -15.50 -3.79 -25.82
CA ASN C 202 -14.57 -2.79 -26.32
C ASN C 202 -13.58 -2.57 -25.18
N ARG C 203 -12.30 -2.82 -25.46
CA ARG C 203 -11.26 -2.71 -24.44
C ARG C 203 -10.18 -1.67 -24.73
N TRP C 204 -10.10 -0.69 -23.84
CA TRP C 204 -9.12 0.38 -23.94
C TRP C 204 -7.97 0.10 -22.96
N ILE C 205 -6.74 0.37 -23.37
CA ILE C 205 -5.58 0.16 -22.50
C ILE C 205 -4.70 1.40 -22.55
N GLY C 206 -4.10 1.71 -21.41
CA GLY C 206 -3.22 2.87 -21.30
C GLY C 206 -2.94 3.26 -19.85
N ARG C 207 -2.71 4.55 -19.65
CA ARG C 207 -2.43 5.10 -18.32
C ARG C 207 -3.21 6.40 -18.19
N THR C 208 -3.22 6.96 -17.00
CA THR C 208 -3.92 8.21 -16.76
C THR C 208 -3.13 9.45 -17.18
N THR C 209 -3.11 9.73 -18.47
CA THR C 209 -2.44 10.92 -18.98
C THR C 209 -3.19 11.44 -20.20
N THR C 210 -3.54 12.71 -20.12
CA THR C 210 -4.29 13.38 -21.17
C THR C 210 -4.03 12.98 -22.63
N TRP C 211 -2.77 12.88 -23.06
CA TRP C 211 -2.52 12.53 -24.45
C TRP C 211 -2.82 11.07 -24.78
N LYS C 212 -3.21 10.32 -23.76
CA LYS C 212 -3.53 8.91 -23.93
C LYS C 212 -5.01 8.72 -24.33
N GLY C 213 -5.66 9.83 -24.64
CA GLY C 213 -7.06 9.82 -25.06
C GLY C 213 -8.08 9.05 -24.23
N PHE C 214 -7.97 9.06 -22.90
CA PHE C 214 -8.94 8.33 -22.09
C PHE C 214 -10.30 9.04 -22.08
N TYR C 215 -10.27 10.37 -22.10
CA TYR C 215 -11.51 11.14 -22.10
C TYR C 215 -12.42 10.74 -23.26
N GLN C 216 -11.86 10.73 -24.47
CA GLN C 216 -12.63 10.39 -25.64
C GLN C 216 -13.22 8.99 -25.60
N MET C 217 -12.63 8.09 -24.81
CA MET C 217 -13.15 6.73 -24.74
C MET C 217 -14.43 6.77 -23.92
N PHE C 218 -14.38 7.53 -22.82
CA PHE C 218 -15.54 7.69 -21.94
C PHE C 218 -16.68 8.30 -22.74
N ASP C 219 -16.34 9.35 -23.48
CA ASP C 219 -17.29 10.07 -24.31
C ASP C 219 -17.91 9.11 -25.33
N PHE C 220 -17.07 8.34 -25.98
CA PHE C 220 -17.52 7.40 -26.99
C PHE C 220 -18.42 6.30 -26.42
N HIS C 221 -18.18 5.93 -25.16
CA HIS C 221 -18.99 4.89 -24.54
C HIS C 221 -20.38 5.38 -24.14
N GLU C 222 -20.42 6.55 -23.52
CA GLU C 222 -21.68 7.12 -23.07
C GLU C 222 -22.60 7.51 -24.22
N LYS C 223 -22.02 7.81 -25.38
CA LYS C 223 -22.79 8.24 -26.56
C LYS C 223 -23.03 7.19 -27.64
N PHE C 224 -22.21 6.15 -27.70
CA PHE C 224 -22.39 5.14 -28.74
C PHE C 224 -22.43 3.68 -28.31
N LEU C 225 -21.38 3.22 -27.64
CA LEU C 225 -21.32 1.82 -27.22
C LEU C 225 -22.35 1.44 -26.15
N LYS C 226 -22.38 2.16 -25.05
CA LYS C 226 -23.34 1.89 -23.99
C LYS C 226 -24.76 1.89 -24.57
N PRO C 227 -25.20 3.00 -25.21
CA PRO C 227 -26.54 3.13 -25.80
C PRO C 227 -26.88 2.06 -26.81
N ALA C 228 -25.87 1.34 -27.31
CA ALA C 228 -26.11 0.31 -28.29
C ALA C 228 -26.02 -1.09 -27.71
N GLY C 229 -25.82 -1.17 -26.40
CA GLY C 229 -25.73 -2.46 -25.74
C GLY C 229 -24.34 -3.04 -25.63
N LYS C 230 -23.34 -2.25 -25.98
CA LYS C 230 -21.97 -2.72 -25.91
C LYS C 230 -21.46 -2.47 -24.50
N SER C 231 -20.36 -3.15 -24.15
CA SER C 231 -19.72 -3.02 -22.83
C SER C 231 -18.32 -2.45 -22.99
N THR C 232 -17.91 -1.57 -22.09
CA THR C 232 -16.57 -0.98 -22.17
C THR C 232 -15.69 -1.21 -20.97
N VAL C 233 -14.46 -1.65 -21.23
CA VAL C 233 -13.47 -1.89 -20.19
C VAL C 233 -12.25 -1.01 -20.47
N MET C 234 -11.77 -0.32 -19.45
CA MET C 234 -10.61 0.51 -19.62
C MET C 234 -9.57 0.00 -18.65
N GLU C 235 -8.52 -0.60 -19.18
CA GLU C 235 -7.47 -1.14 -18.34
C GLU C 235 -6.23 -0.29 -18.22
N GLY C 236 -5.75 -0.15 -16.99
CA GLY C 236 -4.54 0.61 -16.75
C GLY C 236 -4.66 2.00 -16.19
N LEU C 237 -5.86 2.40 -15.78
CA LEU C 237 -6.03 3.72 -15.21
C LEU C 237 -5.71 3.69 -13.74
N GLU C 238 -4.82 4.57 -13.29
CA GLU C 238 -4.49 4.63 -11.87
C GLU C 238 -4.96 6.00 -11.42
N ARG C 239 -5.28 6.14 -10.15
CA ARG C 239 -5.76 7.44 -9.68
C ARG C 239 -4.64 8.38 -9.34
N SER C 240 -3.84 8.65 -10.36
CA SER C 240 -2.71 9.56 -10.31
C SER C 240 -3.36 10.95 -10.04
N PRO C 241 -2.54 11.99 -9.80
CA PRO C 241 -3.17 13.30 -9.55
C PRO C 241 -3.99 13.73 -10.77
N ALA C 242 -3.56 13.29 -11.95
CA ALA C 242 -4.25 13.60 -13.19
C ALA C 242 -5.65 13.00 -13.20
N PHE C 243 -5.96 12.21 -12.16
CA PHE C 243 -7.25 11.55 -12.02
C PHE C 243 -8.29 12.46 -11.38
N ILE C 244 -7.82 13.51 -10.71
CA ILE C 244 -8.72 14.45 -10.05
C ILE C 244 -9.73 15.00 -11.05
N ALA C 245 -9.27 15.24 -12.28
CA ALA C 245 -10.12 15.78 -13.33
C ALA C 245 -11.33 14.92 -13.70
N ILE C 246 -11.26 13.63 -13.41
CA ILE C 246 -12.37 12.71 -13.68
C ILE C 246 -13.37 12.81 -12.54
N LYS C 247 -12.89 13.36 -11.42
CA LYS C 247 -13.72 13.56 -10.23
C LYS C 247 -14.52 14.84 -10.46
N GLU C 248 -13.80 15.91 -10.83
CA GLU C 248 -14.41 17.21 -11.10
C GLU C 248 -15.45 17.11 -12.21
N LYS C 249 -15.15 16.30 -13.22
CA LYS C 249 -16.04 16.13 -14.36
C LYS C 249 -17.16 15.13 -14.14
N GLY C 250 -17.36 14.72 -12.89
CA GLY C 250 -18.41 13.76 -12.58
C GLY C 250 -18.66 12.71 -13.66
N ILE C 251 -17.58 12.09 -14.15
CA ILE C 251 -17.70 11.07 -15.18
C ILE C 251 -18.03 9.72 -14.54
N PRO C 252 -19.07 9.06 -15.04
CA PRO C 252 -19.57 7.74 -14.57
C PRO C 252 -18.53 6.65 -14.76
N TYR C 253 -18.34 5.82 -13.75
CA TYR C 253 -17.38 4.73 -13.86
C TYR C 253 -17.55 3.68 -12.77
N GLU C 254 -16.77 2.61 -12.86
CA GLU C 254 -16.82 1.54 -11.90
C GLU C 254 -15.42 0.99 -11.74
N TYR C 255 -14.62 1.62 -10.87
CA TYR C 255 -13.24 1.19 -10.64
C TYR C 255 -13.14 -0.22 -10.06
N TYR C 256 -12.08 -0.95 -10.41
CA TYR C 256 -11.84 -2.33 -9.94
C TYR C 256 -10.34 -2.57 -9.71
N GLY C 257 -9.98 -3.06 -8.53
CA GLY C 257 -8.59 -3.35 -8.24
C GLY C 257 -8.25 -4.60 -9.03
N ASN C 258 -6.96 -4.81 -9.34
CA ASN C 258 -6.58 -5.98 -10.13
C ASN C 258 -6.88 -7.33 -9.46
N ARG C 259 -7.25 -7.31 -8.19
CA ARG C 259 -7.57 -8.56 -7.49
C ARG C 259 -8.99 -8.99 -7.81
N GLU C 260 -9.92 -8.03 -7.81
CA GLU C 260 -11.32 -8.31 -8.09
C GLU C 260 -11.67 -8.03 -9.55
N ILE C 261 -10.97 -8.69 -10.46
CA ILE C 261 -11.22 -8.51 -11.87
C ILE C 261 -12.43 -9.35 -12.26
N ASP C 262 -12.60 -10.48 -11.57
CA ASP C 262 -13.71 -11.38 -11.85
C ASP C 262 -15.04 -10.95 -11.31
N LYS C 263 -15.09 -9.75 -10.74
CA LYS C 263 -16.32 -9.21 -10.21
C LYS C 263 -16.72 -8.06 -11.12
N MET C 264 -15.93 -7.89 -12.18
CA MET C 264 -16.17 -6.84 -13.17
C MET C 264 -17.44 -7.23 -13.94
N ASN C 265 -18.32 -6.25 -14.18
CA ASN C 265 -19.57 -6.54 -14.88
C ASN C 265 -19.52 -6.27 -16.38
N LEU C 266 -19.49 -7.34 -17.17
CA LEU C 266 -19.42 -7.21 -18.62
C LEU C 266 -20.78 -7.20 -19.33
N ALA C 267 -21.86 -6.96 -18.59
CA ALA C 267 -23.18 -6.94 -19.22
C ALA C 267 -23.48 -5.54 -19.73
N PRO C 268 -24.43 -5.41 -20.69
CA PRO C 268 -24.81 -4.12 -21.26
C PRO C 268 -25.45 -3.20 -20.24
N ASN C 269 -25.56 -1.92 -20.57
CA ASN C 269 -26.14 -0.93 -19.66
C ASN C 269 -25.31 -0.93 -18.38
N GLN C 270 -24.04 -0.52 -18.50
CA GLN C 270 -23.11 -0.45 -17.37
C GLN C 270 -22.16 0.70 -17.67
N PRO C 271 -21.60 1.32 -16.63
CA PRO C 271 -20.67 2.44 -16.87
C PRO C 271 -19.32 1.87 -17.28
N ALA C 272 -18.40 2.75 -17.66
CA ALA C 272 -17.07 2.30 -18.05
C ALA C 272 -16.47 1.49 -16.90
N GLN C 273 -16.11 0.24 -17.13
CA GLN C 273 -15.50 -0.61 -16.10
C GLN C 273 -13.98 -0.35 -16.10
N ILE C 274 -13.48 0.44 -15.15
CA ILE C 274 -12.05 0.78 -15.07
C ILE C 274 -11.18 -0.19 -14.25
N LEU C 275 -10.13 -0.73 -14.87
CA LEU C 275 -9.21 -1.64 -14.17
C LEU C 275 -7.96 -0.84 -13.78
N ASP C 276 -7.59 -0.96 -12.50
CA ASP C 276 -6.46 -0.25 -11.90
C ASP C 276 -5.17 -0.20 -12.72
N CYS C 277 -4.48 -1.34 -12.74
CA CYS C 277 -3.23 -1.51 -13.46
C CYS C 277 -3.27 -2.97 -13.87
N TYR C 278 -2.45 -3.38 -14.82
CA TYR C 278 -2.54 -4.77 -15.23
C TYR C 278 -1.25 -5.49 -15.46
N ILE C 279 -1.37 -6.81 -15.52
CA ILE C 279 -0.26 -7.67 -15.78
C ILE C 279 -0.38 -7.82 -17.29
N ASN C 280 0.69 -7.45 -17.99
CA ASN C 280 0.71 -7.49 -19.44
C ASN C 280 0.23 -8.78 -20.12
N SER C 281 0.73 -9.94 -19.69
CA SER C 281 0.32 -11.19 -20.30
C SER C 281 -1.16 -11.47 -20.04
N GLU C 282 -1.67 -11.02 -18.91
CA GLU C 282 -3.08 -11.21 -18.61
C GLU C 282 -3.92 -10.36 -19.54
N MET C 283 -3.55 -9.10 -19.66
CA MET C 283 -4.27 -8.18 -20.52
C MET C 283 -4.36 -8.70 -21.95
N LEU C 284 -3.25 -9.16 -22.52
CA LEU C 284 -3.25 -9.67 -23.89
C LEU C 284 -4.28 -10.78 -24.07
N GLU C 285 -4.39 -11.66 -23.07
CA GLU C 285 -5.35 -12.76 -23.13
C GLU C 285 -6.77 -12.21 -23.19
N ARG C 286 -7.08 -11.24 -22.34
CA ARG C 286 -8.40 -10.62 -22.34
C ARG C 286 -8.65 -9.86 -23.64
N MET C 287 -7.60 -9.24 -24.18
CA MET C 287 -7.72 -8.49 -25.41
C MET C 287 -7.94 -9.37 -26.64
N SER C 288 -7.27 -10.52 -26.67
CA SER C 288 -7.39 -11.46 -27.80
C SER C 288 -8.80 -12.02 -27.92
N LYS C 289 -9.61 -11.81 -26.88
CA LYS C 289 -10.98 -12.28 -26.86
C LYS C 289 -11.97 -11.12 -26.77
N SER C 290 -11.50 -9.93 -27.10
CA SER C 290 -12.36 -8.76 -27.07
C SER C 290 -12.54 -8.27 -28.50
N GLY C 291 -13.76 -7.87 -28.84
CA GLY C 291 -14.04 -7.39 -30.17
C GLY C 291 -13.11 -6.29 -30.66
N PHE C 292 -12.98 -5.23 -29.88
CA PHE C 292 -12.15 -4.11 -30.27
C PHE C 292 -11.29 -3.53 -29.15
N GLY C 293 -10.02 -3.29 -29.48
CA GLY C 293 -9.09 -2.70 -28.53
C GLY C 293 -8.89 -1.26 -28.92
N TYR C 294 -8.83 -0.37 -27.93
CA TYR C 294 -8.67 1.05 -28.19
C TYR C 294 -7.39 1.59 -27.59
N GLN C 295 -6.73 2.45 -28.36
CA GLN C 295 -5.47 3.07 -27.94
C GLN C 295 -5.51 4.43 -28.60
N LEU C 296 -6.10 5.40 -27.90
CA LEU C 296 -6.25 6.74 -28.45
C LEU C 296 -5.18 7.76 -28.14
N SER C 297 -3.91 7.37 -28.24
CA SER C 297 -2.83 8.31 -27.98
C SER C 297 -2.95 9.40 -29.03
N LYS C 298 -3.04 10.64 -28.60
CA LYS C 298 -3.17 11.76 -29.53
C LYS C 298 -2.02 12.75 -29.38
N LEU C 299 -0.81 12.21 -29.33
CA LEU C 299 0.41 12.98 -29.21
C LEU C 299 0.44 14.05 -30.32
N ASN C 300 1.31 15.06 -30.19
CA ASN C 300 1.36 16.09 -31.22
C ASN C 300 2.44 15.92 -32.30
N GLN C 301 2.09 16.33 -33.52
CA GLN C 301 2.95 16.26 -34.72
C GLN C 301 4.47 16.33 -34.50
N LYS C 302 4.92 17.25 -33.65
CA LYS C 302 6.33 17.43 -33.37
C LYS C 302 6.98 16.19 -32.71
N TYR C 303 6.21 15.51 -31.86
CA TYR C 303 6.70 14.33 -31.15
C TYR C 303 6.59 13.03 -31.94
N LEU C 304 5.95 13.08 -33.10
CA LEU C 304 5.73 11.88 -33.89
C LEU C 304 6.49 11.75 -35.20
N GLN C 305 7.22 10.66 -35.32
CA GLN C 305 8.00 10.39 -36.52
C GLN C 305 7.61 9.01 -37.04
N ARG C 306 8.16 7.96 -36.43
CA ARG C 306 7.84 6.59 -36.83
C ARG C 306 7.40 5.73 -35.64
N SER C 307 7.49 6.30 -34.44
CA SER C 307 7.17 5.55 -33.24
C SER C 307 5.75 5.31 -32.81
N LEU C 308 5.35 4.06 -32.94
CA LEU C 308 4.05 3.62 -32.49
C LEU C 308 4.41 3.21 -31.05
N GLU C 309 3.42 3.02 -30.18
CA GLU C 309 3.67 2.62 -28.79
C GLU C 309 3.41 1.13 -28.58
N TYR C 310 3.98 0.55 -27.53
CA TYR C 310 3.74 -0.87 -27.29
C TYR C 310 2.27 -1.24 -27.20
N THR C 311 1.46 -0.37 -26.60
CA THR C 311 0.03 -0.64 -26.50
C THR C 311 -0.57 -0.72 -27.91
N HIS C 312 0.00 0.05 -28.86
CA HIS C 312 -0.48 0.01 -30.25
C HIS C 312 -0.16 -1.39 -30.79
N LEU C 313 1.09 -1.81 -30.68
CA LEU C 313 1.54 -3.09 -31.20
C LEU C 313 0.88 -4.31 -30.55
N GLU C 314 0.57 -4.23 -29.27
CA GLU C 314 -0.06 -5.37 -28.61
C GLU C 314 -1.45 -5.66 -29.19
N LEU C 315 -2.20 -4.60 -29.52
CA LEU C 315 -3.52 -4.78 -30.09
C LEU C 315 -3.48 -5.54 -31.41
N GLY C 316 -2.64 -5.09 -32.33
CA GLY C 316 -2.54 -5.76 -33.60
C GLY C 316 -2.11 -7.21 -33.42
N ALA C 317 -1.09 -7.40 -32.59
CA ALA C 317 -0.53 -8.72 -32.34
C ALA C 317 -1.40 -9.76 -31.66
N CYS C 318 -2.38 -9.35 -30.86
CA CYS C 318 -3.19 -10.35 -30.18
C CYS C 318 -4.50 -10.73 -30.87
N GLY C 319 -4.71 -10.24 -32.08
CA GLY C 319 -5.89 -10.62 -32.84
C GLY C 319 -7.16 -9.83 -32.74
N THR C 320 -7.10 -8.60 -32.26
CA THR C 320 -8.30 -7.79 -32.13
C THR C 320 -8.29 -6.77 -33.24
N ILE C 321 -9.36 -6.00 -33.35
CA ILE C 321 -9.39 -4.97 -34.35
C ILE C 321 -8.86 -3.72 -33.65
N PRO C 322 -7.72 -3.20 -34.11
CA PRO C 322 -7.10 -2.00 -33.55
C PRO C 322 -7.92 -0.76 -33.87
N VAL C 323 -8.16 0.08 -32.87
CA VAL C 323 -8.87 1.33 -33.06
C VAL C 323 -7.96 2.41 -32.49
N PHE C 324 -7.25 3.11 -33.37
CA PHE C 324 -6.33 4.18 -33.00
C PHE C 324 -6.86 5.59 -33.29
N TRP C 325 -6.13 6.59 -32.83
CA TRP C 325 -6.49 7.98 -33.04
C TRP C 325 -6.06 8.37 -34.46
N LYS C 326 -6.96 9.00 -35.20
CA LYS C 326 -6.70 9.40 -36.57
C LYS C 326 -5.45 10.25 -36.80
N SER C 327 -5.42 11.44 -36.20
CA SER C 327 -4.28 12.34 -36.36
C SER C 327 -2.93 11.62 -36.18
N THR C 328 -2.88 10.72 -35.21
CA THR C 328 -1.66 9.96 -34.93
C THR C 328 -1.24 9.16 -36.16
N GLY C 329 -2.18 8.41 -36.72
CA GLY C 329 -1.84 7.62 -37.90
C GLY C 329 -1.53 8.49 -39.10
N GLU C 330 -1.91 9.77 -39.02
CA GLU C 330 -1.68 10.72 -40.11
C GLU C 330 -0.28 11.32 -40.11
N ASN C 331 0.21 11.64 -38.91
CA ASN C 331 1.52 12.24 -38.72
C ASN C 331 2.65 11.22 -38.77
N LEU C 332 2.41 10.03 -38.22
CA LEU C 332 3.41 8.95 -38.21
C LEU C 332 3.63 8.43 -39.62
N LYS C 333 4.80 7.84 -39.87
CA LYS C 333 5.11 7.33 -41.20
C LYS C 333 5.54 5.85 -41.22
N PHE C 334 4.98 5.10 -42.17
CA PHE C 334 5.31 3.69 -42.33
C PHE C 334 6.82 3.59 -42.42
N ARG C 335 7.40 2.57 -41.78
CA ARG C 335 8.84 2.40 -41.75
C ARG C 335 9.41 2.01 -43.10
N VAL C 336 8.58 1.44 -43.96
CA VAL C 336 9.04 1.01 -45.26
C VAL C 336 9.21 2.12 -46.30
N ASP C 337 8.31 3.11 -46.32
CA ASP C 337 8.42 4.17 -47.32
C ASP C 337 7.98 5.59 -46.94
N ASN C 338 8.07 5.94 -45.65
CA ASN C 338 7.71 7.28 -45.20
C ASN C 338 6.26 7.74 -45.40
N THR C 339 5.42 6.90 -46.00
CA THR C 339 4.02 7.28 -46.23
C THR C 339 3.23 7.22 -44.93
N PRO C 340 2.29 8.16 -44.74
CA PRO C 340 1.47 8.17 -43.52
C PRO C 340 0.82 6.80 -43.25
N LEU C 341 0.58 6.47 -41.99
CA LEU C 341 -0.03 5.17 -41.66
C LEU C 341 -1.48 5.09 -42.13
N THR C 342 -2.12 6.26 -42.24
CA THR C 342 -3.51 6.32 -42.67
C THR C 342 -3.68 6.16 -44.17
N SER C 343 -2.57 6.08 -44.89
CA SER C 343 -2.62 5.94 -46.34
C SER C 343 -2.63 4.48 -46.80
N HIS C 344 -2.58 3.54 -45.86
CA HIS C 344 -2.61 2.13 -46.23
C HIS C 344 -3.90 1.44 -45.84
N ASP C 345 -4.22 0.37 -46.56
CA ASP C 345 -5.41 -0.41 -46.26
C ASP C 345 -4.88 -1.29 -45.15
N SER C 346 -4.87 -0.75 -43.94
CA SER C 346 -4.32 -1.44 -42.77
C SER C 346 -5.28 -2.31 -41.97
N GLY C 347 -6.58 -2.05 -42.11
CA GLY C 347 -7.55 -2.82 -41.34
C GLY C 347 -7.79 -2.10 -40.02
N ILE C 348 -6.90 -1.17 -39.73
CA ILE C 348 -6.99 -0.35 -38.52
C ILE C 348 -8.22 0.53 -38.66
N ILE C 349 -8.83 0.89 -37.54
CA ILE C 349 -9.99 1.78 -37.57
C ILE C 349 -9.59 3.09 -36.94
N TRP C 350 -9.35 4.11 -37.77
CA TRP C 350 -8.94 5.42 -37.28
C TRP C 350 -10.07 6.20 -36.63
N PHE C 351 -9.91 6.45 -35.34
CA PHE C 351 -10.87 7.15 -34.50
C PHE C 351 -10.95 8.65 -34.80
N ASP C 352 -12.14 9.13 -35.17
CA ASP C 352 -12.31 10.55 -35.45
C ASP C 352 -13.17 11.20 -34.38
N GLU C 353 -12.55 12.03 -33.55
CA GLU C 353 -13.23 12.72 -32.46
C GLU C 353 -14.43 13.57 -32.91
N ASN C 354 -14.30 14.20 -34.07
CA ASN C 354 -15.34 15.04 -34.64
C ASN C 354 -16.19 14.25 -35.62
N ASP C 355 -16.39 12.97 -35.31
CA ASP C 355 -17.17 12.07 -36.16
C ASP C 355 -17.13 10.66 -35.58
N MET C 356 -17.55 10.53 -34.33
CA MET C 356 -17.55 9.23 -33.66
C MET C 356 -18.59 8.28 -34.22
N GLU C 357 -19.49 8.82 -35.04
CA GLU C 357 -20.54 8.01 -35.64
C GLU C 357 -20.03 7.14 -36.77
N SER C 358 -19.15 7.68 -37.62
CA SER C 358 -18.63 6.87 -38.72
C SER C 358 -17.73 5.78 -38.13
N THR C 359 -17.09 6.10 -37.00
CA THR C 359 -16.22 5.14 -36.32
C THR C 359 -17.09 4.02 -35.79
N PHE C 360 -18.17 4.39 -35.10
CA PHE C 360 -19.07 3.40 -34.55
C PHE C 360 -19.67 2.52 -35.65
N GLU C 361 -20.00 3.13 -36.79
CA GLU C 361 -20.57 2.40 -37.92
C GLU C 361 -19.60 1.32 -38.40
N ARG C 362 -18.31 1.67 -38.44
CA ARG C 362 -17.30 0.72 -38.87
C ARG C 362 -17.32 -0.47 -37.92
N ILE C 363 -17.31 -0.18 -36.63
CA ILE C 363 -17.32 -1.22 -35.63
C ILE C 363 -18.53 -2.12 -35.82
N LYS C 364 -19.67 -1.51 -36.15
CA LYS C 364 -20.90 -2.27 -36.38
C LYS C 364 -20.74 -3.25 -37.54
N GLU C 365 -20.23 -2.76 -38.68
CA GLU C 365 -20.04 -3.64 -39.83
C GLU C 365 -19.21 -4.84 -39.40
N LEU C 366 -17.99 -4.57 -38.95
CA LEU C 366 -17.10 -5.63 -38.52
C LEU C 366 -17.72 -6.50 -37.45
N SER C 367 -18.63 -5.92 -36.67
CA SER C 367 -19.31 -6.67 -35.62
C SER C 367 -20.34 -7.67 -36.15
N SER C 368 -20.84 -7.45 -37.37
CA SER C 368 -21.83 -8.34 -37.96
C SER C 368 -21.24 -9.58 -38.67
N ASP C 369 -20.51 -9.41 -39.78
CA ASP C 369 -19.93 -10.59 -40.45
C ASP C 369 -18.48 -10.83 -40.03
N ARG C 370 -18.22 -12.07 -39.61
CA ARG C 370 -16.89 -12.44 -39.14
C ARG C 370 -15.86 -12.65 -40.23
N ALA C 371 -16.31 -12.85 -41.46
CA ALA C 371 -15.38 -13.06 -42.57
C ALA C 371 -14.51 -11.82 -42.79
N LEU C 372 -15.15 -10.67 -42.87
CA LEU C 372 -14.46 -9.40 -43.09
C LEU C 372 -13.64 -9.03 -41.86
N TYR C 373 -14.15 -9.37 -40.69
CA TYR C 373 -13.48 -9.09 -39.43
C TYR C 373 -12.10 -9.74 -39.51
N ASP C 374 -12.09 -11.07 -39.63
CA ASP C 374 -10.84 -11.81 -39.69
C ASP C 374 -10.01 -11.39 -40.90
N ARG C 375 -10.61 -10.69 -41.85
CA ARG C 375 -9.90 -10.22 -43.04
C ARG C 375 -9.14 -8.93 -42.68
N GLU C 376 -9.69 -8.18 -41.75
CA GLU C 376 -9.09 -6.92 -41.33
C GLU C 376 -8.00 -7.11 -40.27
N ARG C 377 -8.11 -8.17 -39.45
CA ARG C 377 -7.11 -8.44 -38.44
C ARG C 377 -5.79 -8.66 -39.13
N GLU C 378 -5.80 -9.65 -40.02
CA GLU C 378 -4.63 -10.05 -40.78
C GLU C 378 -3.92 -8.84 -41.40
N LYS C 379 -4.68 -7.97 -42.05
CA LYS C 379 -4.10 -6.80 -42.66
C LYS C 379 -3.47 -5.86 -41.62
N ALA C 380 -4.10 -5.76 -40.46
CA ALA C 380 -3.58 -4.91 -39.40
C ALA C 380 -2.32 -5.52 -38.81
N TYR C 381 -2.34 -6.84 -38.66
CA TYR C 381 -1.21 -7.55 -38.11
C TYR C 381 0.02 -7.47 -39.00
N GLU C 382 -0.17 -7.74 -40.28
CA GLU C 382 0.92 -7.72 -41.25
C GLU C 382 1.48 -6.30 -41.39
N PHE C 383 0.61 -5.32 -41.25
CA PHE C 383 1.02 -3.93 -41.35
C PHE C 383 1.85 -3.52 -40.14
N LEU C 384 1.41 -3.89 -38.95
CA LEU C 384 2.16 -3.53 -37.75
C LEU C 384 3.45 -4.35 -37.69
N TYR C 385 3.44 -5.53 -38.27
CA TYR C 385 4.64 -6.35 -38.32
C TYR C 385 5.67 -5.63 -39.17
N GLN C 386 5.27 -5.29 -40.38
CA GLN C 386 6.16 -4.62 -41.31
C GLN C 386 6.76 -3.35 -40.70
N HIS C 387 5.92 -2.57 -40.04
CA HIS C 387 6.32 -1.31 -39.49
C HIS C 387 7.14 -1.26 -38.21
N GLN C 388 6.97 -2.21 -37.31
CA GLN C 388 7.74 -2.09 -36.08
C GLN C 388 8.21 -3.34 -35.36
N ASP C 389 8.27 -4.48 -36.04
CA ASP C 389 8.75 -5.70 -35.37
C ASP C 389 10.23 -5.58 -35.03
N SER C 390 10.66 -6.34 -34.04
CA SER C 390 12.05 -6.35 -33.59
C SER C 390 12.99 -6.70 -34.73
N SER C 391 12.67 -7.80 -35.42
CA SER C 391 13.47 -8.28 -36.53
C SER C 391 14.05 -7.13 -37.37
N PHE C 392 13.26 -6.08 -37.60
CA PHE C 392 13.72 -4.95 -38.40
C PHE C 392 14.33 -3.82 -37.59
N CYS C 393 13.55 -3.27 -36.66
CA CYS C 393 13.98 -2.12 -35.88
C CYS C 393 15.25 -2.27 -35.06
N PHE C 394 15.38 -3.33 -34.27
CA PHE C 394 16.60 -3.47 -33.50
C PHE C 394 17.82 -3.64 -34.41
N LYS C 395 17.63 -4.24 -35.58
CA LYS C 395 18.76 -4.40 -36.49
C LYS C 395 19.17 -3.02 -37.01
N GLU C 396 18.20 -2.16 -37.24
CA GLU C 396 18.51 -0.80 -37.70
C GLU C 396 19.36 -0.15 -36.59
N GLN C 397 18.90 -0.25 -35.35
CA GLN C 397 19.64 0.36 -34.24
C GLN C 397 20.97 -0.32 -34.02
N PHE C 398 21.01 -1.65 -34.09
CA PHE C 398 22.27 -2.33 -33.87
C PHE C 398 23.32 -1.83 -34.85
N ASP C 399 22.90 -1.54 -36.07
CA ASP C 399 23.82 -1.04 -37.10
C ASP C 399 24.30 0.39 -36.81
N ILE C 400 23.43 1.24 -36.29
CA ILE C 400 23.82 2.60 -35.97
C ILE C 400 24.75 2.56 -34.75
N ILE C 401 24.50 1.63 -33.84
CA ILE C 401 25.34 1.53 -32.64
C ILE C 401 26.72 1.02 -32.99
N THR C 402 26.82 0.17 -34.01
CA THR C 402 28.11 -0.39 -34.39
C THR C 402 28.94 0.39 -35.41
N LYS C 403 28.32 0.84 -36.50
CA LYS C 403 29.04 1.59 -37.52
C LYS C 403 28.72 3.08 -37.43
N GLY D 2 -29.77 -2.68 41.89
CA GLY D 2 -28.93 -3.62 42.69
C GLY D 2 -28.15 -4.60 41.82
N SER D 3 -27.87 -5.77 42.38
CA SER D 3 -27.12 -6.82 41.68
C SER D 3 -27.80 -7.26 40.37
N MET D 4 -27.01 -7.47 39.32
CA MET D 4 -27.55 -7.89 38.03
C MET D 4 -26.71 -8.94 37.34
N ARG D 5 -27.23 -9.46 36.23
CA ARG D 5 -26.54 -10.47 35.43
C ARG D 5 -26.05 -9.80 34.13
N ILE D 6 -24.75 -9.91 33.87
CA ILE D 6 -24.16 -9.30 32.70
C ILE D 6 -23.45 -10.30 31.81
N CYS D 7 -23.63 -10.12 30.51
CA CYS D 7 -23.02 -10.98 29.53
C CYS D 7 -22.17 -10.11 28.62
N ILE D 8 -20.85 -10.34 28.67
CA ILE D 8 -19.87 -9.61 27.86
C ILE D 8 -19.62 -10.51 26.66
N PHE D 9 -20.00 -10.01 25.49
CA PHE D 9 -19.90 -10.77 24.25
C PHE D 9 -18.88 -10.22 23.25
N MET D 10 -17.96 -11.09 22.84
CA MET D 10 -16.94 -10.75 21.85
C MET D 10 -17.22 -11.55 20.58
N ALA D 11 -17.95 -10.92 19.65
CA ALA D 11 -18.35 -11.56 18.40
C ALA D 11 -17.27 -11.79 17.35
N ARG D 12 -16.19 -11.03 17.40
CA ARG D 12 -15.10 -11.17 16.43
C ARG D 12 -14.25 -12.38 16.82
N GLY D 13 -14.40 -12.79 18.07
CA GLY D 13 -13.64 -13.90 18.59
C GLY D 13 -12.79 -13.31 19.71
N LEU D 14 -11.84 -14.08 20.22
CA LEU D 14 -10.98 -13.58 21.28
C LEU D 14 -9.59 -13.29 20.67
N GLU D 15 -9.40 -12.06 20.19
CA GLU D 15 -8.16 -11.61 19.56
C GLU D 15 -6.94 -11.41 20.47
N GLY D 16 -7.15 -11.46 21.78
CA GLY D 16 -6.03 -11.31 22.71
C GLY D 16 -5.34 -9.96 22.86
N CYS D 17 -5.93 -8.91 22.31
CA CYS D 17 -5.34 -7.57 22.42
C CYS D 17 -6.17 -6.66 23.33
N GLY D 18 -6.29 -5.39 22.93
CA GLY D 18 -7.02 -4.42 23.71
C GLY D 18 -8.45 -4.81 24.04
N VAL D 19 -9.19 -5.27 23.04
CA VAL D 19 -10.56 -5.68 23.26
C VAL D 19 -10.67 -6.86 24.22
N THR D 20 -9.71 -7.79 24.20
CA THR D 20 -9.76 -8.91 25.13
C THR D 20 -9.44 -8.36 26.54
N LYS D 21 -8.42 -7.50 26.62
CA LYS D 21 -8.01 -6.89 27.88
C LYS D 21 -9.16 -6.16 28.50
N PHE D 22 -9.84 -5.38 27.70
CA PHE D 22 -11.00 -4.61 28.17
C PHE D 22 -12.10 -5.54 28.68
N SER D 23 -12.43 -6.57 27.90
CA SER D 23 -13.48 -7.49 28.32
C SER D 23 -13.14 -8.12 29.67
N LEU D 24 -11.91 -8.60 29.81
CA LEU D 24 -11.48 -9.22 31.06
C LEU D 24 -11.49 -8.24 32.22
N GLU D 25 -11.09 -7.01 31.96
CA GLU D 25 -11.07 -6.00 33.01
C GLU D 25 -12.53 -5.66 33.39
N GLN D 26 -13.39 -5.61 32.38
CA GLN D 26 -14.81 -5.32 32.54
C GLN D 26 -15.45 -6.39 33.43
N ARG D 27 -15.13 -7.65 33.15
CA ARG D 27 -15.66 -8.75 33.94
C ARG D 27 -15.24 -8.56 35.41
N ASP D 28 -13.96 -8.41 35.68
CA ASP D 28 -13.48 -8.25 37.06
C ASP D 28 -14.21 -7.14 37.80
N TRP D 29 -14.38 -6.00 37.13
CA TRP D 29 -15.07 -4.89 37.79
C TRP D 29 -16.49 -5.26 38.18
N PHE D 30 -17.24 -5.88 37.27
CA PHE D 30 -18.62 -6.25 37.59
C PHE D 30 -18.66 -7.24 38.73
N ILE D 31 -17.84 -8.26 38.67
CA ILE D 31 -17.80 -9.23 39.77
C ILE D 31 -17.49 -8.51 41.07
N LYS D 32 -16.38 -7.78 41.08
CA LYS D 32 -15.96 -7.05 42.28
C LYS D 32 -17.08 -6.24 42.87
N ASN D 33 -17.97 -5.74 42.01
CA ASN D 33 -19.09 -4.94 42.49
C ASN D 33 -20.37 -5.74 42.72
N GLY D 34 -20.20 -7.03 43.03
CA GLY D 34 -21.33 -7.90 43.31
C GLY D 34 -22.32 -8.11 42.18
N HIS D 35 -21.81 -8.39 40.98
CA HIS D 35 -22.66 -8.66 39.82
C HIS D 35 -22.28 -10.03 39.30
N GLU D 36 -23.14 -10.61 38.49
CA GLU D 36 -22.88 -11.93 37.91
C GLU D 36 -22.46 -11.71 36.47
N VAL D 37 -21.41 -12.40 36.04
CA VAL D 37 -20.91 -12.19 34.68
C VAL D 37 -20.60 -13.42 33.87
N THR D 38 -20.91 -13.34 32.59
CA THR D 38 -20.63 -14.41 31.67
C THR D 38 -19.81 -13.82 30.53
N LEU D 39 -18.64 -14.40 30.27
CA LEU D 39 -17.81 -13.93 29.17
C LEU D 39 -17.81 -14.94 28.06
N VAL D 40 -18.38 -14.58 26.91
CA VAL D 40 -18.44 -15.47 25.78
C VAL D 40 -17.87 -14.82 24.51
N TYR D 41 -17.19 -15.63 23.71
CA TYR D 41 -16.62 -15.12 22.49
C TYR D 41 -16.90 -16.11 21.38
N ALA D 42 -17.01 -15.62 20.16
CA ALA D 42 -17.24 -16.46 18.99
C ALA D 42 -15.95 -17.19 18.64
N LYS D 43 -15.97 -18.52 18.77
CA LYS D 43 -14.79 -19.32 18.45
C LYS D 43 -14.59 -19.44 16.95
N ASP D 44 -15.61 -19.08 16.19
CA ASP D 44 -15.54 -19.15 14.73
C ASP D 44 -14.15 -18.82 14.21
N LYS D 45 -13.75 -17.56 14.27
CA LYS D 45 -12.42 -17.17 13.82
C LYS D 45 -11.41 -17.30 14.96
N SER D 46 -10.30 -18.00 14.69
CA SER D 46 -9.25 -18.23 15.69
C SER D 46 -8.14 -17.18 15.66
N PHE D 47 -7.52 -16.92 16.82
CA PHE D 47 -6.46 -15.92 16.86
C PHE D 47 -5.12 -16.34 17.45
N THR D 48 -4.08 -15.97 16.72
CA THR D 48 -2.70 -16.26 17.08
C THR D 48 -2.21 -15.63 18.39
N ARG D 49 -3.13 -15.16 19.23
CA ARG D 49 -2.75 -14.55 20.49
C ARG D 49 -3.71 -14.80 21.66
N THR D 50 -4.58 -15.79 21.49
CA THR D 50 -5.55 -16.18 22.50
C THR D 50 -4.88 -16.46 23.86
N SER D 51 -3.65 -16.94 23.81
CA SER D 51 -2.91 -17.27 25.02
C SER D 51 -2.28 -16.08 25.75
N SER D 52 -2.35 -14.90 25.15
CA SER D 52 -1.78 -13.69 25.76
C SER D 52 -2.34 -13.38 27.16
N HIS D 53 -3.66 -13.42 27.31
CA HIS D 53 -4.29 -13.16 28.59
C HIS D 53 -4.92 -14.45 29.09
N ASP D 54 -4.76 -14.77 30.37
CA ASP D 54 -5.36 -16.00 30.90
C ASP D 54 -6.88 -15.83 30.99
N HIS D 55 -7.61 -16.81 30.48
CA HIS D 55 -9.08 -16.71 30.50
C HIS D 55 -9.77 -18.04 30.25
N LYS D 56 -9.03 -19.02 29.77
CA LYS D 56 -9.64 -20.31 29.46
C LYS D 56 -10.47 -20.96 30.57
N SER D 57 -10.22 -20.58 31.82
CA SER D 57 -10.98 -21.15 32.92
C SER D 57 -12.43 -20.69 32.95
N PHE D 58 -12.69 -19.42 32.64
CA PHE D 58 -14.06 -18.90 32.64
C PHE D 58 -14.60 -18.58 31.24
N SER D 59 -13.71 -18.29 30.32
CA SER D 59 -14.07 -17.98 28.95
C SER D 59 -15.06 -19.01 28.37
N ILE D 60 -16.18 -18.54 27.83
CA ILE D 60 -17.16 -19.43 27.24
C ILE D 60 -17.16 -19.26 25.72
N PRO D 61 -16.50 -20.19 25.01
CA PRO D 61 -16.42 -20.14 23.55
C PRO D 61 -17.71 -20.61 22.89
N VAL D 62 -18.03 -20.01 21.73
CA VAL D 62 -19.23 -20.37 21.01
C VAL D 62 -19.00 -20.33 19.51
N ILE D 63 -19.30 -21.42 18.84
CA ILE D 63 -19.14 -21.50 17.40
C ILE D 63 -20.48 -21.06 16.84
N LEU D 64 -20.53 -19.79 16.44
CA LEU D 64 -21.75 -19.20 15.90
C LEU D 64 -22.42 -19.99 14.77
N ALA D 65 -21.66 -20.28 13.72
CA ALA D 65 -22.21 -21.00 12.59
C ALA D 65 -22.75 -22.39 12.89
N LYS D 66 -22.37 -22.98 14.00
CA LYS D 66 -22.82 -24.33 14.30
C LYS D 66 -23.54 -24.51 15.63
N GLU D 67 -23.60 -23.46 16.44
CA GLU D 67 -24.26 -23.56 17.74
C GLU D 67 -25.20 -22.40 18.04
N TYR D 68 -25.95 -21.95 17.03
CA TYR D 68 -26.86 -20.83 17.24
C TYR D 68 -27.80 -20.92 18.44
N ASP D 69 -28.22 -22.14 18.80
CA ASP D 69 -29.12 -22.30 19.94
C ASP D 69 -28.41 -22.14 21.27
N LYS D 70 -27.11 -22.42 21.30
CA LYS D 70 -26.38 -22.27 22.54
C LYS D 70 -26.01 -20.80 22.70
N ALA D 71 -25.92 -20.11 21.56
CA ALA D 71 -25.57 -18.69 21.57
C ALA D 71 -26.73 -17.84 22.09
N LEU D 72 -27.93 -18.09 21.56
CA LEU D 72 -29.11 -17.34 21.96
C LEU D 72 -29.50 -17.60 23.40
N LYS D 73 -29.23 -18.80 23.89
CA LYS D 73 -29.55 -19.17 25.25
C LYS D 73 -28.61 -18.47 26.23
N LEU D 74 -27.40 -18.16 25.78
CA LEU D 74 -26.40 -17.47 26.61
C LEU D 74 -26.66 -15.97 26.64
N VAL D 75 -26.79 -15.38 25.47
CA VAL D 75 -27.05 -13.94 25.35
C VAL D 75 -28.38 -13.52 25.96
N ASN D 76 -29.39 -14.39 25.89
CA ASN D 76 -30.70 -14.06 26.46
C ASN D 76 -30.76 -14.29 27.97
N ASP D 77 -29.65 -14.75 28.54
CA ASP D 77 -29.62 -14.99 29.97
C ASP D 77 -28.89 -13.87 30.69
N CYS D 78 -29.41 -12.67 30.59
CA CYS D 78 -28.78 -11.54 31.26
C CYS D 78 -29.67 -10.33 31.26
N ASP D 79 -29.29 -9.33 32.05
CA ASP D 79 -30.01 -8.07 32.12
C ASP D 79 -29.32 -7.12 31.13
N ILE D 80 -27.98 -7.12 31.16
CA ILE D 80 -27.17 -6.27 30.30
C ILE D 80 -26.28 -7.12 29.38
N LEU D 81 -26.39 -6.89 28.08
CA LEU D 81 -25.58 -7.61 27.10
C LEU D 81 -24.57 -6.59 26.57
N ILE D 82 -23.30 -6.81 26.87
CA ILE D 82 -22.26 -5.92 26.42
C ILE D 82 -21.57 -6.55 25.22
N ILE D 83 -21.61 -5.86 24.08
CA ILE D 83 -20.99 -6.35 22.85
C ILE D 83 -19.75 -5.50 22.56
N ASN D 84 -18.57 -6.11 22.59
CA ASN D 84 -17.32 -5.36 22.36
C ASN D 84 -16.69 -5.52 20.99
N SER D 85 -17.00 -6.61 20.31
CA SER D 85 -16.45 -6.86 18.99
C SER D 85 -17.48 -7.49 18.08
N VAL D 86 -17.32 -7.25 16.79
CA VAL D 86 -18.21 -7.77 15.75
C VAL D 86 -17.48 -8.83 14.92
N PRO D 87 -18.19 -9.77 14.29
CA PRO D 87 -17.50 -10.80 13.49
C PRO D 87 -16.62 -10.23 12.35
N ALA D 88 -15.51 -10.92 12.07
CA ALA D 88 -14.60 -10.48 11.02
C ALA D 88 -15.16 -10.71 9.61
N THR D 89 -14.79 -9.84 8.66
CA THR D 89 -15.28 -9.97 7.29
C THR D 89 -15.07 -11.38 6.74
N SER D 90 -14.00 -12.03 7.17
CA SER D 90 -13.68 -13.37 6.72
C SER D 90 -14.20 -14.45 7.66
N VAL D 91 -15.51 -14.52 7.87
CA VAL D 91 -16.08 -15.52 8.77
C VAL D 91 -16.87 -16.64 8.12
N GLN D 92 -17.44 -16.38 6.95
CA GLN D 92 -18.23 -17.39 6.23
C GLN D 92 -19.73 -17.32 6.57
N GLU D 93 -20.48 -16.69 5.68
CA GLU D 93 -21.94 -16.49 5.77
C GLU D 93 -22.70 -17.12 6.95
N ALA D 94 -22.49 -18.42 7.17
CA ALA D 94 -23.17 -19.13 8.25
C ALA D 94 -22.83 -18.62 9.66
N THR D 95 -21.92 -17.67 9.75
CA THR D 95 -21.53 -17.10 11.04
C THR D 95 -22.06 -15.68 11.18
N ILE D 96 -21.95 -14.87 10.13
CA ILE D 96 -22.45 -13.51 10.19
C ILE D 96 -23.98 -13.54 10.17
N ASN D 97 -24.54 -14.39 9.32
CA ASN D 97 -25.99 -14.52 9.21
C ASN D 97 -26.59 -14.97 10.54
N ASN D 98 -25.84 -15.79 11.25
CA ASN D 98 -26.28 -16.30 12.55
C ASN D 98 -26.11 -15.28 13.65
N TYR D 99 -25.16 -14.36 13.46
CA TYR D 99 -24.91 -13.32 14.43
C TYR D 99 -25.99 -12.26 14.25
N LYS D 100 -26.23 -11.88 12.99
CA LYS D 100 -27.24 -10.88 12.64
C LYS D 100 -28.65 -11.26 13.11
N LYS D 101 -28.94 -12.56 13.15
CA LYS D 101 -30.27 -13.03 13.58
C LYS D 101 -30.27 -13.23 15.08
N LEU D 102 -29.08 -13.23 15.68
CA LEU D 102 -28.95 -13.40 17.11
C LEU D 102 -29.40 -12.08 17.73
N LEU D 103 -29.09 -10.97 17.06
CA LEU D 103 -29.49 -9.66 17.56
C LEU D 103 -31.00 -9.57 17.56
N ASP D 104 -31.61 -10.02 16.48
CA ASP D 104 -33.06 -10.00 16.30
C ASP D 104 -33.87 -10.76 17.34
N ASN D 105 -33.32 -11.84 17.87
CA ASN D 105 -34.08 -12.62 18.83
C ASN D 105 -33.69 -12.41 20.29
N ILE D 106 -32.96 -11.33 20.55
CA ILE D 106 -32.55 -11.01 21.92
C ILE D 106 -33.78 -10.35 22.52
N LYS D 107 -34.19 -10.78 23.71
CA LYS D 107 -35.33 -10.17 24.39
C LYS D 107 -35.26 -8.66 24.18
N PRO D 108 -36.35 -8.03 23.75
CA PRO D 108 -36.31 -6.58 23.55
C PRO D 108 -36.10 -5.83 24.87
N SER D 109 -36.41 -6.51 25.97
CA SER D 109 -36.27 -5.94 27.29
C SER D 109 -34.80 -5.80 27.74
N ILE D 110 -33.98 -6.77 27.36
CA ILE D 110 -32.56 -6.79 27.68
C ILE D 110 -31.82 -5.54 27.20
N ARG D 111 -31.04 -4.92 28.08
CA ARG D 111 -30.30 -3.71 27.75
C ARG D 111 -28.98 -4.02 27.03
N VAL D 112 -28.90 -3.65 25.76
CA VAL D 112 -27.72 -3.89 24.93
C VAL D 112 -26.78 -2.68 24.94
N VAL D 113 -25.51 -2.94 25.19
CA VAL D 113 -24.51 -1.87 25.24
C VAL D 113 -23.43 -2.18 24.23
N VAL D 114 -23.11 -1.20 23.41
CA VAL D 114 -22.10 -1.40 22.39
C VAL D 114 -20.89 -0.51 22.59
N TYR D 115 -19.74 -1.17 22.66
CA TYR D 115 -18.48 -0.46 22.80
C TYR D 115 -17.73 -0.56 21.46
N GLN D 116 -17.46 0.58 20.84
CA GLN D 116 -16.69 0.58 19.60
C GLN D 116 -15.24 0.85 20.01
N HIS D 117 -14.42 -0.20 20.02
CA HIS D 117 -13.02 -0.09 20.43
C HIS D 117 -12.00 0.38 19.40
N ASP D 118 -12.32 0.28 18.12
CA ASP D 118 -11.39 0.67 17.07
C ASP D 118 -11.37 2.17 16.79
N HIS D 119 -10.30 2.62 16.13
CA HIS D 119 -10.09 4.03 15.79
C HIS D 119 -10.31 4.34 14.32
N SER D 120 -9.43 3.81 13.49
CA SER D 120 -9.44 4.04 12.05
C SER D 120 -10.50 3.31 11.26
N VAL D 121 -11.10 4.04 10.31
CA VAL D 121 -12.11 3.48 9.42
C VAL D 121 -11.64 2.21 8.74
N LEU D 122 -10.36 2.18 8.32
CA LEU D 122 -9.81 1.00 7.66
C LEU D 122 -10.09 -0.21 8.50
N SER D 123 -10.16 0.00 9.83
CA SER D 123 -10.42 -1.10 10.74
C SER D 123 -11.93 -1.23 10.98
N LEU D 124 -12.65 -0.12 10.90
CA LEU D 124 -14.10 -0.12 11.10
C LEU D 124 -14.79 -0.84 9.94
N ARG D 125 -14.25 -0.69 8.73
CA ARG D 125 -14.82 -1.33 7.54
C ARG D 125 -14.67 -2.84 7.60
N ARG D 126 -13.59 -3.33 8.20
CA ARG D 126 -13.41 -4.76 8.29
C ARG D 126 -14.34 -5.38 9.36
N ASN D 127 -15.54 -4.83 9.45
CA ASN D 127 -16.55 -5.32 10.39
C ASN D 127 -17.81 -5.72 9.65
N LEU D 128 -18.34 -6.89 9.99
CA LEU D 128 -19.58 -7.35 9.36
C LEU D 128 -20.70 -7.38 10.38
N GLY D 129 -21.69 -6.51 10.19
CA GLY D 129 -22.81 -6.48 11.09
C GLY D 129 -22.72 -5.42 12.15
N LEU D 130 -21.89 -4.41 11.93
CA LEU D 130 -21.73 -3.34 12.91
C LEU D 130 -22.96 -2.46 12.87
N GLU D 131 -23.51 -2.24 11.68
CA GLU D 131 -24.69 -1.40 11.56
C GLU D 131 -25.86 -2.05 12.28
N GLU D 132 -26.06 -3.34 12.08
CA GLU D 132 -27.16 -4.02 12.74
C GLU D 132 -26.96 -4.05 14.24
N THR D 133 -25.70 -4.06 14.68
CA THR D 133 -25.39 -4.08 16.10
C THR D 133 -25.67 -2.73 16.77
N VAL D 134 -25.48 -1.66 16.01
CA VAL D 134 -25.69 -0.31 16.52
C VAL D 134 -27.15 0.06 16.59
N ARG D 135 -27.93 -0.41 15.62
CA ARG D 135 -29.34 -0.09 15.61
C ARG D 135 -30.07 -0.76 16.76
N ARG D 136 -29.64 -1.96 17.14
CA ARG D 136 -30.28 -2.67 18.25
C ARG D 136 -29.77 -2.18 19.60
N ALA D 137 -28.74 -1.33 19.58
CA ALA D 137 -28.15 -0.82 20.81
C ALA D 137 -28.92 0.24 21.56
N ASP D 138 -28.90 0.12 22.89
CA ASP D 138 -29.56 1.07 23.78
C ASP D 138 -28.50 2.06 24.26
N VAL D 139 -27.25 1.61 24.24
CA VAL D 139 -26.14 2.45 24.66
C VAL D 139 -24.95 2.18 23.75
N ILE D 140 -24.29 3.25 23.33
CA ILE D 140 -23.12 3.14 22.46
C ILE D 140 -21.99 4.00 23.01
N PHE D 141 -20.77 3.45 23.05
CA PHE D 141 -19.63 4.22 23.53
C PHE D 141 -18.58 4.25 22.42
N SER D 142 -17.67 5.24 22.48
CA SER D 142 -16.58 5.33 21.52
C SER D 142 -15.42 6.07 22.19
N HIS D 143 -14.24 5.98 21.60
CA HIS D 143 -13.04 6.62 22.13
C HIS D 143 -12.97 8.12 21.89
N SER D 144 -13.69 8.62 20.90
CA SER D 144 -13.56 10.03 20.62
C SER D 144 -14.75 10.55 19.88
N ASP D 145 -15.19 11.76 20.24
CA ASP D 145 -16.32 12.39 19.58
C ASP D 145 -15.99 12.83 18.16
N ASN D 146 -14.71 12.80 17.79
CA ASN D 146 -14.29 13.23 16.45
C ASN D 146 -13.68 12.11 15.63
N GLY D 147 -13.90 10.88 16.06
CA GLY D 147 -13.35 9.75 15.35
C GLY D 147 -14.19 9.33 14.15
N ASP D 148 -13.67 8.38 13.38
CA ASP D 148 -14.36 7.89 12.21
C ASP D 148 -15.70 7.24 12.57
N PHE D 149 -15.81 6.66 13.76
CA PHE D 149 -17.06 6.02 14.17
C PHE D 149 -18.13 7.09 14.30
N ASN D 150 -17.84 8.15 15.06
CA ASN D 150 -18.79 9.22 15.26
C ASN D 150 -18.97 10.10 14.03
N LYS D 151 -17.86 10.39 13.34
CA LYS D 151 -17.92 11.26 12.17
C LYS D 151 -18.25 10.65 10.82
N VAL D 152 -17.87 9.40 10.56
CA VAL D 152 -18.21 8.84 9.27
C VAL D 152 -19.31 7.77 9.28
N LEU D 153 -19.10 6.66 9.99
CA LEU D 153 -20.08 5.57 10.01
C LEU D 153 -21.44 5.95 10.57
N MET D 154 -21.47 6.78 11.60
CA MET D 154 -22.75 7.17 12.17
C MET D 154 -23.45 8.12 11.21
N LYS D 155 -22.68 8.97 10.52
CA LYS D 155 -23.27 9.93 9.58
C LYS D 155 -23.81 9.25 8.33
N GLU D 156 -23.43 7.98 8.15
CA GLU D 156 -23.89 7.22 7.00
C GLU D 156 -25.07 6.35 7.37
N TRP D 157 -25.17 5.97 8.63
CA TRP D 157 -26.29 5.14 9.08
C TRP D 157 -27.48 5.98 9.51
N TYR D 158 -27.23 7.23 9.88
CA TYR D 158 -28.28 8.14 10.32
C TYR D 158 -28.11 9.51 9.66
N PRO D 159 -28.17 9.55 8.33
CA PRO D 159 -28.01 10.79 7.55
C PRO D 159 -28.96 11.95 7.89
N GLU D 160 -28.58 13.13 7.40
CA GLU D 160 -29.30 14.39 7.56
C GLU D 160 -30.56 14.39 8.43
N THR D 161 -31.72 14.55 7.79
CA THR D 161 -33.02 14.58 8.47
C THR D 161 -33.80 13.29 8.20
N GLU D 170 -33.58 11.98 14.19
CA GLU D 170 -33.24 11.02 15.24
C GLU D 170 -31.95 10.27 14.91
N ALA D 171 -31.12 10.07 15.92
CA ALA D 171 -29.86 9.36 15.77
C ALA D 171 -29.26 9.13 17.14
N PRO D 172 -28.93 7.88 17.46
CA PRO D 172 -28.35 7.51 18.75
C PRO D 172 -27.29 8.45 19.26
N THR D 173 -27.20 8.55 20.58
CA THR D 173 -26.21 9.39 21.23
C THR D 173 -24.99 8.49 21.43
N VAL D 174 -23.81 9.08 21.34
CA VAL D 174 -22.60 8.31 21.54
C VAL D 174 -21.86 8.89 22.73
N TYR D 175 -21.44 8.03 23.64
CA TYR D 175 -20.76 8.47 24.84
C TYR D 175 -19.27 8.15 24.78
N ASN D 176 -18.47 9.00 25.42
CA ASN D 176 -17.05 8.78 25.49
C ASN D 176 -16.77 7.80 26.62
N PHE D 177 -15.74 6.99 26.47
CA PHE D 177 -15.36 6.04 27.50
C PHE D 177 -13.87 5.82 27.44
N GLN D 178 -13.27 5.42 28.54
CA GLN D 178 -11.85 5.13 28.57
C GLN D 178 -11.76 3.65 28.87
N PRO D 179 -10.73 2.95 28.38
CA PRO D 179 -10.56 1.51 28.64
C PRO D 179 -9.79 1.39 29.96
N PRO D 180 -10.51 1.11 31.06
CA PRO D 180 -9.83 1.01 32.35
C PRO D 180 -9.15 -0.29 32.70
N MET D 181 -8.21 -0.19 33.62
CA MET D 181 -7.44 -1.33 34.10
C MET D 181 -7.34 -1.20 35.62
N ASP D 182 -7.35 -2.33 36.32
CA ASP D 182 -7.22 -2.29 37.77
C ASP D 182 -5.72 -2.13 38.04
N ILE D 183 -5.30 -0.88 38.13
CA ILE D 183 -3.90 -0.52 38.33
C ILE D 183 -3.28 -0.94 39.67
N VAL D 184 -4.07 -0.87 40.75
CA VAL D 184 -3.60 -1.25 42.07
C VAL D 184 -3.23 -2.74 42.08
N LYS D 185 -4.03 -3.55 41.40
CA LYS D 185 -3.79 -4.98 41.33
C LYS D 185 -2.41 -5.25 40.70
N VAL D 186 -2.16 -4.66 39.54
CA VAL D 186 -0.90 -4.85 38.83
C VAL D 186 0.29 -4.38 39.65
N ARG D 187 0.16 -3.20 40.26
CA ARG D 187 1.21 -2.63 41.07
C ARG D 187 1.63 -3.66 42.13
N SER D 188 0.71 -3.96 43.04
CA SER D 188 0.99 -4.92 44.11
C SER D 188 1.03 -6.36 43.63
N THR D 189 1.92 -6.65 42.68
CA THR D 189 2.07 -7.99 42.14
C THR D 189 3.32 -8.01 41.28
N TYR D 190 3.70 -6.84 40.79
CA TYR D 190 4.85 -6.71 39.91
C TYR D 190 5.87 -5.67 40.33
N TRP D 191 5.38 -4.53 40.79
CA TRP D 191 6.25 -3.43 41.23
C TRP D 191 7.39 -3.93 42.11
N LYS D 192 8.62 -3.64 41.68
CA LYS D 192 9.84 -4.05 42.37
C LYS D 192 10.57 -2.85 43.00
N ASP D 193 11.53 -3.13 43.88
CA ASP D 193 12.33 -2.07 44.51
C ASP D 193 13.36 -1.67 43.45
N VAL D 194 13.62 -0.37 43.33
CA VAL D 194 14.55 0.16 42.34
C VAL D 194 15.86 -0.62 42.16
N SER D 195 16.43 -1.07 43.25
CA SER D 195 17.68 -1.83 43.24
C SER D 195 17.65 -3.10 42.38
N GLU D 196 16.47 -3.49 41.93
CA GLU D 196 16.34 -4.70 41.10
C GLU D 196 16.11 -4.36 39.64
N ILE D 197 15.99 -3.06 39.36
CA ILE D 197 15.74 -2.59 38.02
C ILE D 197 17.01 -2.35 37.24
N ASN D 198 17.11 -2.95 36.06
CA ASN D 198 18.29 -2.76 35.23
C ASN D 198 18.12 -1.47 34.42
N MET D 199 18.69 -0.39 34.92
CA MET D 199 18.60 0.92 34.27
C MET D 199 19.02 0.95 32.81
N ASN D 200 19.69 -0.09 32.35
CA ASN D 200 20.14 -0.07 30.96
C ASN D 200 19.19 -0.73 29.97
N ILE D 201 18.09 -1.29 30.46
CA ILE D 201 17.14 -1.94 29.58
C ILE D 201 16.04 -0.97 29.14
N ASN D 202 15.85 -0.84 27.83
CA ASN D 202 14.80 0.03 27.30
C ASN D 202 13.82 -0.90 26.62
N ARG D 203 12.63 -0.98 27.19
CA ARG D 203 11.60 -1.88 26.68
C ARG D 203 10.40 -1.19 26.09
N TRP D 204 10.18 -1.51 24.82
CA TRP D 204 9.10 -0.98 24.02
C TRP D 204 8.11 -2.10 23.84
N ILE D 205 6.83 -1.83 24.05
CA ILE D 205 5.84 -2.87 23.84
C ILE D 205 4.84 -2.32 22.84
N GLY D 206 4.31 -3.20 21.99
CA GLY D 206 3.33 -2.77 21.01
C GLY D 206 2.92 -3.83 20.03
N ARG D 207 2.72 -3.40 18.79
CA ARG D 207 2.32 -4.29 17.70
C ARG D 207 2.93 -3.70 16.43
N THR D 208 3.01 -4.51 15.39
CA THR D 208 3.59 -4.05 14.13
C THR D 208 2.63 -3.19 13.31
N THR D 209 2.33 -2.02 13.82
CA THR D 209 1.47 -1.07 13.15
C THR D 209 2.12 0.29 13.38
N THR D 210 2.34 1.02 12.30
CA THR D 210 3.00 2.31 12.36
C THR D 210 2.56 3.26 13.46
N TRP D 211 1.26 3.41 13.67
CA TRP D 211 0.84 4.38 14.71
C TRP D 211 1.27 4.01 16.13
N LYS D 212 1.93 2.86 16.26
CA LYS D 212 2.43 2.40 17.54
C LYS D 212 3.84 2.93 17.74
N GLY D 213 4.39 3.50 16.67
CA GLY D 213 5.70 4.10 16.73
C GLY D 213 6.92 3.23 16.77
N PHE D 214 6.93 2.08 16.10
CA PHE D 214 8.14 1.28 16.18
C PHE D 214 9.33 1.94 15.47
N TYR D 215 9.08 2.57 14.34
CA TYR D 215 10.18 3.21 13.62
C TYR D 215 10.95 4.15 14.53
N GLN D 216 10.21 4.97 15.26
CA GLN D 216 10.81 5.91 16.18
C GLN D 216 11.71 5.23 17.21
N MET D 217 11.33 4.05 17.69
CA MET D 217 12.15 3.37 18.68
C MET D 217 13.46 2.91 18.04
N PHE D 218 13.39 2.39 16.82
CA PHE D 218 14.60 1.94 16.14
C PHE D 218 15.56 3.10 16.02
N ASP D 219 15.04 4.22 15.56
CA ASP D 219 15.83 5.42 15.37
C ASP D 219 16.47 5.90 16.67
N PHE D 220 15.71 5.91 17.74
CA PHE D 220 16.24 6.37 19.02
C PHE D 220 17.34 5.44 19.49
N HIS D 221 17.21 4.17 19.15
CA HIS D 221 18.21 3.23 19.57
C HIS D 221 19.58 3.45 18.94
N GLU D 222 19.67 3.29 17.62
CA GLU D 222 20.95 3.46 16.95
C GLU D 222 21.46 4.89 16.98
N LYS D 223 20.57 5.84 17.23
CA LYS D 223 20.96 7.23 17.26
C LYS D 223 21.36 7.72 18.66
N PHE D 224 20.88 7.05 19.72
CA PHE D 224 21.24 7.48 21.07
C PHE D 224 21.46 6.38 22.10
N LEU D 225 20.58 5.38 22.13
CA LEU D 225 20.69 4.32 23.12
C LEU D 225 21.88 3.40 22.90
N LYS D 226 22.03 2.90 21.68
CA LYS D 226 23.13 2.00 21.38
C LYS D 226 24.47 2.70 21.59
N PRO D 227 24.66 3.89 20.98
CA PRO D 227 25.90 4.65 21.12
C PRO D 227 26.29 4.94 22.59
N ALA D 228 25.30 5.00 23.48
CA ALA D 228 25.57 5.26 24.89
C ALA D 228 25.74 3.97 25.70
N GLY D 229 25.76 2.83 25.01
CA GLY D 229 25.93 1.56 25.69
C GLY D 229 24.66 0.81 26.03
N LYS D 230 23.52 1.49 26.06
CA LYS D 230 22.22 0.89 26.40
C LYS D 230 21.70 -0.26 25.50
N SER D 231 20.73 -1.01 26.02
CA SER D 231 20.14 -2.14 25.28
C SER D 231 18.65 -1.90 24.97
N THR D 232 18.19 -2.37 23.81
CA THR D 232 16.80 -2.21 23.42
C THR D 232 16.07 -3.51 23.06
N VAL D 233 14.94 -3.74 23.72
CA VAL D 233 14.10 -4.90 23.46
C VAL D 233 12.76 -4.34 23.01
N MET D 234 12.21 -4.90 21.94
CA MET D 234 10.90 -4.47 21.45
C MET D 234 9.98 -5.68 21.45
N GLU D 235 8.97 -5.65 22.33
CA GLU D 235 8.03 -6.75 22.47
C GLU D 235 6.68 -6.49 21.83
N GLY D 236 6.18 -7.49 21.13
CA GLY D 236 4.89 -7.40 20.47
C GLY D 236 4.87 -7.37 18.96
N LEU D 237 6.05 -7.22 18.34
CA LEU D 237 6.14 -7.17 16.88
C LEU D 237 5.97 -8.52 16.23
N GLU D 238 4.75 -8.81 15.80
CA GLU D 238 4.45 -10.08 15.14
C GLU D 238 4.96 -10.04 13.72
N ARG D 239 5.11 -11.20 13.11
CA ARG D 239 5.60 -11.27 11.75
C ARG D 239 4.56 -10.63 10.86
N SER D 240 4.98 -9.66 10.06
CA SER D 240 4.04 -8.98 9.19
C SER D 240 4.82 -8.39 8.04
N PRO D 241 4.14 -8.04 6.94
CA PRO D 241 4.83 -7.47 5.78
C PRO D 241 5.52 -6.15 6.11
N ALA D 242 5.00 -5.46 7.12
CA ALA D 242 5.59 -4.19 7.54
C ALA D 242 7.09 -4.41 7.72
N PHE D 243 7.47 -5.64 7.99
CA PHE D 243 8.89 -5.95 8.16
C PHE D 243 9.64 -5.87 6.84
N ILE D 244 8.93 -6.04 5.72
CA ILE D 244 9.57 -5.94 4.41
C ILE D 244 10.22 -4.57 4.32
N ALA D 245 9.44 -3.55 4.68
CA ALA D 245 9.94 -2.18 4.67
C ALA D 245 11.11 -2.00 5.61
N ILE D 246 11.00 -2.58 6.81
CA ILE D 246 12.06 -2.49 7.82
C ILE D 246 13.38 -3.09 7.38
N LYS D 247 13.33 -4.13 6.55
CA LYS D 247 14.55 -4.78 6.08
C LYS D 247 15.10 -3.99 4.89
N GLU D 248 14.19 -3.45 4.08
CA GLU D 248 14.55 -2.67 2.91
C GLU D 248 14.69 -1.18 3.23
N LYS D 249 15.11 -0.91 4.46
CA LYS D 249 15.33 0.46 4.94
C LYS D 249 16.65 0.40 5.71
N GLY D 250 17.29 -0.76 5.67
CA GLY D 250 18.56 -0.97 6.34
C GLY D 250 18.52 -0.85 7.85
N ILE D 251 17.47 -1.39 8.47
CA ILE D 251 17.35 -1.34 9.92
C ILE D 251 17.80 -2.66 10.53
N PRO D 252 18.85 -2.61 11.34
CA PRO D 252 19.37 -3.83 11.98
C PRO D 252 18.48 -4.33 13.12
N TYR D 253 18.39 -5.64 13.29
CA TYR D 253 17.58 -6.18 14.36
C TYR D 253 17.75 -7.68 14.52
N GLU D 254 17.35 -8.19 15.68
CA GLU D 254 17.40 -9.61 15.96
C GLU D 254 15.98 -9.99 16.39
N TYR D 255 15.40 -10.96 15.68
CA TYR D 255 14.03 -11.43 15.91
C TYR D 255 13.97 -12.74 16.68
N TYR D 256 13.15 -12.79 17.74
CA TYR D 256 12.99 -14.01 18.52
C TYR D 256 11.52 -14.39 18.73
N GLY D 257 11.25 -15.69 18.82
CA GLY D 257 9.90 -16.15 19.09
C GLY D 257 9.81 -16.19 20.60
N ASN D 258 8.63 -16.39 21.18
CA ASN D 258 8.55 -16.38 22.63
C ASN D 258 9.14 -17.63 23.28
N ARG D 259 9.26 -18.70 22.50
CA ARG D 259 9.80 -19.93 23.03
C ARG D 259 11.32 -19.87 23.10
N GLU D 260 11.91 -18.77 22.61
CA GLU D 260 13.36 -18.63 22.61
C GLU D 260 13.83 -17.33 23.24
N ILE D 261 12.96 -16.70 24.02
CA ILE D 261 13.27 -15.44 24.70
C ILE D 261 14.58 -15.49 25.48
N ASP D 262 14.98 -16.69 25.89
CA ASP D 262 16.21 -16.89 26.65
C ASP D 262 17.45 -16.58 25.83
N LYS D 263 17.32 -16.74 24.52
CA LYS D 263 18.42 -16.51 23.59
C LYS D 263 18.73 -15.03 23.33
N MET D 264 17.87 -14.11 23.77
CA MET D 264 18.11 -12.71 23.51
C MET D 264 19.46 -12.22 24.01
N ASN D 265 20.10 -11.36 23.24
CA ASN D 265 21.39 -10.81 23.64
C ASN D 265 21.10 -9.42 24.19
N LEU D 266 20.99 -9.34 25.51
CA LEU D 266 20.67 -8.08 26.18
C LEU D 266 21.87 -7.22 26.55
N ALA D 267 23.03 -7.55 26.00
CA ALA D 267 24.26 -6.79 26.29
C ALA D 267 24.36 -5.60 25.34
N PRO D 268 25.20 -4.60 25.67
CA PRO D 268 25.40 -3.40 24.86
C PRO D 268 25.94 -3.66 23.45
N ASN D 269 25.89 -2.63 22.61
CA ASN D 269 26.34 -2.75 21.23
C ASN D 269 25.74 -3.95 20.49
N GLN D 270 24.42 -4.07 20.61
CA GLN D 270 23.67 -5.13 19.95
C GLN D 270 22.51 -4.43 19.23
N PRO D 271 21.97 -5.05 18.18
CA PRO D 271 20.86 -4.39 17.50
C PRO D 271 19.62 -4.58 18.37
N ALA D 272 18.52 -3.89 18.04
CA ALA D 272 17.30 -4.04 18.81
C ALA D 272 16.94 -5.53 18.85
N GLN D 273 16.56 -5.99 20.04
CA GLN D 273 16.18 -7.39 20.25
C GLN D 273 14.65 -7.49 20.18
N ILE D 274 14.14 -8.20 19.18
CA ILE D 274 12.69 -8.27 19.04
C ILE D 274 11.99 -9.58 19.36
N LEU D 275 10.92 -9.45 20.14
CA LEU D 275 10.06 -10.56 20.59
C LEU D 275 8.75 -10.40 19.81
N ASP D 276 8.36 -11.45 19.10
CA ASP D 276 7.16 -11.43 18.26
C ASP D 276 5.79 -11.41 18.94
N CYS D 277 5.67 -12.09 20.07
CA CYS D 277 4.41 -12.17 20.76
C CYS D 277 4.70 -12.43 22.23
N TYR D 278 3.86 -11.91 23.11
CA TYR D 278 4.12 -12.12 24.51
C TYR D 278 2.92 -12.37 25.39
N ILE D 279 3.19 -13.01 26.51
CA ILE D 279 2.19 -13.31 27.51
C ILE D 279 2.24 -12.11 28.43
N ASN D 280 1.14 -11.36 28.44
CA ASN D 280 1.03 -10.17 29.26
C ASN D 280 1.73 -10.31 30.62
N SER D 281 1.42 -11.37 31.37
CA SER D 281 2.03 -11.56 32.68
C SER D 281 3.55 -11.68 32.64
N GLU D 282 4.09 -12.29 31.60
CA GLU D 282 5.53 -12.44 31.49
C GLU D 282 6.18 -11.09 31.15
N MET D 283 5.49 -10.31 30.33
CA MET D 283 5.98 -8.99 29.93
C MET D 283 5.97 -8.06 31.13
N LEU D 284 4.89 -8.07 31.90
CA LEU D 284 4.82 -7.17 33.07
C LEU D 284 5.92 -7.51 34.07
N GLU D 285 6.25 -8.79 34.19
CA GLU D 285 7.31 -9.22 35.09
C GLU D 285 8.62 -8.64 34.53
N ARG D 286 8.91 -8.95 33.27
CA ARG D 286 10.10 -8.46 32.60
C ARG D 286 10.20 -6.92 32.70
N MET D 287 9.10 -6.24 32.40
CA MET D 287 9.05 -4.79 32.45
C MET D 287 9.21 -4.22 33.85
N SER D 288 8.72 -4.95 34.85
CA SER D 288 8.80 -4.50 36.25
C SER D 288 10.24 -4.32 36.72
N LYS D 289 11.16 -4.98 36.02
CA LYS D 289 12.58 -4.84 36.36
C LYS D 289 13.41 -4.36 35.17
N SER D 290 12.82 -3.43 34.40
CA SER D 290 13.43 -2.81 33.22
C SER D 290 13.51 -1.31 33.52
N GLY D 291 14.60 -0.67 33.13
CA GLY D 291 14.76 0.75 33.42
C GLY D 291 13.70 1.68 32.85
N PHE D 292 13.45 1.57 31.56
CA PHE D 292 12.47 2.44 30.94
C PHE D 292 11.54 1.72 29.97
N GLY D 293 10.26 2.03 30.09
CA GLY D 293 9.26 1.44 29.22
C GLY D 293 8.82 2.46 28.17
N TYR D 294 8.75 2.00 26.95
CA TYR D 294 8.38 2.83 25.84
C TYR D 294 7.05 2.45 25.22
N GLN D 295 6.23 3.45 24.99
CA GLN D 295 4.93 3.28 24.36
C GLN D 295 4.82 4.52 23.52
N LEU D 296 5.13 4.38 22.24
CA LEU D 296 5.14 5.54 21.36
C LEU D 296 3.98 5.73 20.39
N SER D 297 2.79 5.31 20.81
CA SER D 297 1.61 5.47 19.98
C SER D 297 1.42 6.94 19.63
N LYS D 298 1.12 7.23 18.38
CA LYS D 298 0.88 8.61 17.94
C LYS D 298 -0.31 8.67 17.00
N LEU D 299 -1.48 8.48 17.59
CA LEU D 299 -2.72 8.51 16.84
C LEU D 299 -2.98 9.95 16.42
N ASN D 300 -3.70 10.11 15.32
CA ASN D 300 -4.06 11.43 14.83
C ASN D 300 -4.96 12.07 15.92
N GLN D 301 -4.88 13.38 16.09
CA GLN D 301 -5.69 14.05 17.10
C GLN D 301 -7.20 13.72 17.09
N LYS D 302 -7.75 13.50 15.90
CA LYS D 302 -9.17 13.21 15.81
C LYS D 302 -9.58 11.98 16.64
N TYR D 303 -8.67 11.02 16.80
CA TYR D 303 -8.96 9.82 17.55
C TYR D 303 -8.69 9.91 19.07
N LEU D 304 -8.10 11.01 19.52
CA LEU D 304 -7.80 11.15 20.94
C LEU D 304 -8.71 12.10 21.71
N GLN D 305 -9.15 11.64 22.88
CA GLN D 305 -10.00 12.43 23.77
C GLN D 305 -9.49 12.25 25.21
N ARG D 306 -9.79 11.11 25.84
CA ARG D 306 -9.32 10.84 27.20
C ARG D 306 -8.64 9.47 27.33
N SER D 307 -8.62 8.68 26.27
CA SER D 307 -8.08 7.33 26.34
C SER D 307 -6.62 7.03 26.11
N LEU D 308 -5.97 6.53 27.16
CA LEU D 308 -4.60 6.08 27.04
C LEU D 308 -4.89 4.62 26.72
N GLU D 309 -3.89 3.88 26.26
CA GLU D 309 -4.08 2.48 25.93
C GLU D 309 -3.61 1.57 27.06
N TYR D 310 -4.00 0.31 27.02
CA TYR D 310 -3.58 -0.57 28.10
C TYR D 310 -2.08 -0.61 28.26
N THR D 311 -1.34 -0.54 27.16
CA THR D 311 0.11 -0.56 27.26
C THR D 311 0.63 0.67 28.00
N HIS D 312 -0.07 1.81 27.86
CA HIS D 312 0.32 3.02 28.59
C HIS D 312 0.19 2.73 30.09
N LEU D 313 -0.99 2.23 30.46
CA LEU D 313 -1.33 1.92 31.84
C LEU D 313 -0.42 0.88 32.45
N GLU D 314 -0.13 -0.15 31.68
CA GLU D 314 0.74 -1.21 32.16
C GLU D 314 2.15 -0.73 32.48
N LEU D 315 2.63 0.30 31.79
CA LEU D 315 3.98 0.79 32.08
C LEU D 315 4.01 1.57 33.40
N GLY D 316 2.97 2.31 33.72
CA GLY D 316 2.97 3.05 34.96
C GLY D 316 2.53 2.20 36.16
N ALA D 317 2.07 0.99 35.89
CA ALA D 317 1.61 0.14 36.98
C ALA D 317 2.64 -0.89 37.41
N CYS D 318 3.54 -1.27 36.53
CA CYS D 318 4.53 -2.27 36.89
C CYS D 318 5.80 -1.69 37.47
N GLY D 319 5.80 -0.38 37.72
CA GLY D 319 6.96 0.25 38.30
C GLY D 319 8.15 0.62 37.41
N THR D 320 7.91 0.94 36.14
CA THR D 320 9.01 1.34 35.29
C THR D 320 8.78 2.83 34.99
N ILE D 321 9.71 3.48 34.30
CA ILE D 321 9.51 4.90 33.95
C ILE D 321 8.84 4.89 32.59
N PRO D 322 7.67 5.51 32.48
CA PRO D 322 6.95 5.55 31.20
C PRO D 322 7.50 6.55 30.19
N VAL D 323 7.84 6.09 28.99
CA VAL D 323 8.29 7.00 27.95
C VAL D 323 7.21 7.00 26.86
N PHE D 324 6.31 7.97 26.94
CA PHE D 324 5.21 8.12 25.98
C PHE D 324 5.50 9.18 24.94
N TRP D 325 4.72 9.17 23.86
CA TRP D 325 4.84 10.13 22.76
C TRP D 325 4.26 11.47 23.17
N LYS D 326 5.09 12.51 23.14
CA LYS D 326 4.68 13.85 23.55
C LYS D 326 3.36 14.32 22.97
N SER D 327 3.22 14.24 21.65
CA SER D 327 1.99 14.69 20.98
C SER D 327 0.74 14.01 21.51
N THR D 328 0.82 12.72 21.78
CA THR D 328 -0.32 11.98 22.30
C THR D 328 -0.69 12.57 23.65
N GLY D 329 0.32 12.97 24.41
CA GLY D 329 0.09 13.56 25.72
C GLY D 329 -0.40 14.99 25.71
N GLU D 330 -0.26 15.68 24.57
CA GLU D 330 -0.72 17.06 24.47
C GLU D 330 -2.17 17.07 24.00
N ASN D 331 -2.56 16.01 23.32
CA ASN D 331 -3.91 15.88 22.78
C ASN D 331 -4.88 15.11 23.66
N LEU D 332 -4.36 14.48 24.72
CA LEU D 332 -5.24 13.74 25.63
C LEU D 332 -5.52 14.60 26.85
N LYS D 333 -6.76 14.56 27.32
CA LYS D 333 -7.16 15.31 28.48
C LYS D 333 -7.29 14.44 29.72
N PHE D 334 -6.78 14.96 30.84
CA PHE D 334 -6.82 14.27 32.13
C PHE D 334 -8.28 14.08 32.53
N ARG D 335 -8.60 12.91 33.06
CA ARG D 335 -9.98 12.61 33.45
C ARG D 335 -10.59 13.59 34.46
N VAL D 336 -9.81 14.01 35.44
CA VAL D 336 -10.34 14.89 36.49
C VAL D 336 -10.66 16.34 36.09
N ASP D 337 -9.66 17.11 35.68
CA ASP D 337 -9.90 18.52 35.32
C ASP D 337 -10.05 18.76 33.83
N ASN D 338 -9.65 17.77 33.04
CA ASN D 338 -9.75 17.85 31.58
C ASN D 338 -8.69 18.72 30.92
N THR D 339 -7.52 18.76 31.55
CA THR D 339 -6.39 19.51 30.98
C THR D 339 -5.48 18.50 30.30
N PRO D 340 -4.52 18.96 29.48
CA PRO D 340 -3.60 18.08 28.76
C PRO D 340 -2.69 17.25 29.67
N LEU D 341 -2.49 15.98 29.34
CA LEU D 341 -1.65 15.13 30.17
C LEU D 341 -0.26 15.72 30.36
N THR D 342 0.22 16.41 29.34
CA THR D 342 1.54 17.00 29.41
C THR D 342 1.59 18.17 30.38
N SER D 343 0.45 18.80 30.65
CA SER D 343 0.43 19.92 31.59
C SER D 343 0.25 19.48 33.04
N HIS D 344 1.07 18.52 33.48
CA HIS D 344 1.02 17.99 34.84
C HIS D 344 2.40 17.44 35.20
N ASP D 345 2.75 17.42 36.48
CA ASP D 345 4.04 16.84 36.86
C ASP D 345 3.75 15.37 37.11
N SER D 346 3.64 14.62 36.02
CA SER D 346 3.30 13.21 36.07
C SER D 346 4.47 12.28 36.25
N GLY D 347 5.67 12.76 35.98
CA GLY D 347 6.83 11.90 36.11
C GLY D 347 7.08 11.12 34.82
N ILE D 348 6.20 11.34 33.84
CA ILE D 348 6.30 10.68 32.54
C ILE D 348 7.29 11.41 31.63
N ILE D 349 8.14 10.64 30.95
CA ILE D 349 9.10 11.23 30.03
C ILE D 349 8.43 11.32 28.65
N TRP D 350 8.12 12.54 28.23
CA TRP D 350 7.48 12.77 26.93
C TRP D 350 8.51 12.81 25.80
N PHE D 351 8.57 11.70 25.07
CA PHE D 351 9.48 11.49 23.96
C PHE D 351 9.23 12.54 22.87
N ASP D 352 10.29 13.26 22.51
CA ASP D 352 10.14 14.28 21.47
C ASP D 352 10.91 13.92 20.22
N GLU D 353 10.20 13.79 19.10
CA GLU D 353 10.80 13.43 17.82
C GLU D 353 11.73 14.52 17.30
N ASN D 354 11.43 15.77 17.64
CA ASN D 354 12.25 16.90 17.21
C ASN D 354 13.47 17.12 18.12
N ASP D 355 13.42 16.55 19.33
CA ASP D 355 14.53 16.71 20.27
C ASP D 355 14.78 15.44 21.06
N MET D 356 15.14 14.37 20.37
CA MET D 356 15.40 13.11 21.04
C MET D 356 16.53 13.30 22.03
N GLU D 357 17.37 14.30 21.80
CA GLU D 357 18.48 14.58 22.71
C GLU D 357 17.92 14.82 24.10
N SER D 358 16.97 15.76 24.20
CA SER D 358 16.35 16.08 25.48
C SER D 358 15.88 14.82 26.16
N THR D 359 15.04 14.07 25.46
CA THR D 359 14.52 12.84 26.03
C THR D 359 15.62 11.93 26.57
N PHE D 360 16.72 11.82 25.83
CA PHE D 360 17.81 10.97 26.31
C PHE D 360 18.52 11.53 27.54
N GLU D 361 18.58 12.86 27.66
CA GLU D 361 19.23 13.47 28.82
C GLU D 361 18.40 13.21 30.07
N ARG D 362 17.07 13.17 29.90
CA ARG D 362 16.17 12.87 31.00
C ARG D 362 16.34 11.40 31.34
N ILE D 363 16.41 10.56 30.30
CA ILE D 363 16.62 9.13 30.51
C ILE D 363 17.91 8.93 31.32
N LYS D 364 19.01 9.54 30.86
CA LYS D 364 20.30 9.44 31.53
C LYS D 364 20.27 10.02 32.93
N GLU D 365 19.67 11.20 33.07
CA GLU D 365 19.56 11.86 34.35
C GLU D 365 18.95 10.91 35.39
N LEU D 366 17.81 10.31 35.05
CA LEU D 366 17.15 9.38 35.96
C LEU D 366 17.93 8.08 36.13
N SER D 367 18.66 7.68 35.09
CA SER D 367 19.43 6.44 35.13
C SER D 367 20.59 6.46 36.14
N SER D 368 20.83 7.63 36.75
CA SER D 368 21.92 7.75 37.71
C SER D 368 21.41 7.84 39.15
N ASP D 369 20.57 8.85 39.41
CA ASP D 369 20.01 9.08 40.74
C ASP D 369 18.75 8.24 41.04
N ARG D 370 18.97 7.01 41.51
CA ARG D 370 17.86 6.10 41.81
C ARG D 370 16.79 6.72 42.73
N ALA D 371 17.19 7.66 43.57
CA ALA D 371 16.23 8.31 44.46
C ALA D 371 15.28 9.11 43.57
N LEU D 372 15.85 9.75 42.55
CA LEU D 372 15.06 10.54 41.61
C LEU D 372 14.15 9.60 40.82
N TYR D 373 14.71 8.46 40.45
CA TYR D 373 14.02 7.43 39.69
C TYR D 373 12.76 6.92 40.39
N ASP D 374 12.87 6.65 41.68
CA ASP D 374 11.74 6.15 42.47
C ASP D 374 10.71 7.24 42.78
N ARG D 375 11.16 8.48 42.71
CA ARG D 375 10.29 9.61 42.98
C ARG D 375 9.35 9.84 41.80
N GLU D 376 9.88 9.74 40.58
CA GLU D 376 9.08 9.96 39.39
C GLU D 376 8.09 8.81 39.13
N ARG D 377 8.55 7.57 39.33
CA ARG D 377 7.72 6.37 39.17
C ARG D 377 6.40 6.56 39.90
N GLU D 378 6.51 6.82 41.20
CA GLU D 378 5.36 7.03 42.08
C GLU D 378 4.45 8.10 41.54
N LYS D 379 5.06 9.12 40.96
CA LYS D 379 4.32 10.26 40.42
C LYS D 379 3.55 9.79 39.18
N ALA D 380 4.15 8.91 38.40
CA ALA D 380 3.51 8.42 37.18
C ALA D 380 2.39 7.48 37.58
N TYR D 381 2.69 6.59 38.51
CA TYR D 381 1.70 5.64 38.97
C TYR D 381 0.49 6.34 39.58
N GLU D 382 0.73 7.38 40.37
CA GLU D 382 -0.41 8.05 40.97
C GLU D 382 -1.22 8.78 39.91
N PHE D 383 -0.52 9.34 38.93
CA PHE D 383 -1.17 10.07 37.84
C PHE D 383 -2.03 9.13 37.00
N LEU D 384 -1.45 8.02 36.56
CA LEU D 384 -2.19 7.06 35.74
C LEU D 384 -3.34 6.42 36.52
N TYR D 385 -3.12 6.16 37.80
CA TYR D 385 -4.17 5.56 38.62
C TYR D 385 -5.35 6.50 38.66
N GLN D 386 -5.06 7.78 38.91
CA GLN D 386 -6.11 8.80 39.01
C GLN D 386 -6.82 9.06 37.70
N HIS D 387 -6.12 8.86 36.58
CA HIS D 387 -6.70 9.11 35.26
C HIS D 387 -7.53 7.98 34.66
N GLN D 388 -7.08 6.74 34.82
CA GLN D 388 -7.81 5.66 34.17
C GLN D 388 -8.00 4.33 34.94
N ASP D 389 -8.23 4.39 36.25
CA ASP D 389 -8.44 3.16 37.00
C ASP D 389 -9.90 2.69 36.98
N SER D 390 -10.09 1.39 36.78
CA SER D 390 -11.41 0.76 36.74
C SER D 390 -12.36 1.36 37.76
N SER D 391 -11.87 1.50 38.99
CA SER D 391 -12.66 2.06 40.07
C SER D 391 -13.44 3.31 39.65
N PHE D 392 -12.78 4.21 38.93
CA PHE D 392 -13.45 5.44 38.52
C PHE D 392 -14.24 5.27 37.22
N CYS D 393 -13.54 4.93 36.15
CA CYS D 393 -14.13 4.81 34.81
C CYS D 393 -15.31 3.85 34.66
N PHE D 394 -15.16 2.61 35.14
CA PHE D 394 -16.24 1.65 35.03
C PHE D 394 -17.48 2.07 35.83
N LYS D 395 -17.27 2.91 36.83
CA LYS D 395 -18.37 3.41 37.61
C LYS D 395 -19.01 4.49 36.73
N GLU D 396 -18.20 5.28 36.06
CA GLU D 396 -18.70 6.34 35.18
C GLU D 396 -19.55 5.74 34.05
N GLN D 397 -19.09 4.64 33.46
CA GLN D 397 -19.82 4.00 32.38
C GLN D 397 -21.11 3.36 32.91
N PHE D 398 -21.01 2.69 34.06
CA PHE D 398 -22.18 2.03 34.65
C PHE D 398 -23.30 3.06 34.93
N ASP D 399 -22.93 4.24 35.41
CA ASP D 399 -23.95 5.25 35.65
C ASP D 399 -24.57 5.66 34.30
N ILE D 400 -23.81 5.56 33.22
CA ILE D 400 -24.34 5.93 31.91
C ILE D 400 -25.23 4.82 31.36
N ILE D 401 -24.78 3.57 31.48
CA ILE D 401 -25.56 2.43 30.99
C ILE D 401 -26.90 2.42 31.72
N THR D 402 -26.84 2.70 33.02
CA THR D 402 -28.03 2.70 33.88
C THR D 402 -28.87 3.98 33.79
N LYS D 403 -28.24 5.09 33.42
CA LYS D 403 -28.91 6.39 33.31
C LYS D 403 -30.29 6.28 32.68
N1 UPG E . 1.42 -2.09 -19.33
C2 UPG E . 1.20 -3.13 -18.46
N3 UPG E . 0.46 -2.80 -17.35
C4 UPG E . -0.08 -1.57 -17.05
C5 UPG E . 0.15 -0.55 -18.03
C6 UPG E . 0.88 -0.85 -19.11
O2 UPG E . 1.63 -4.25 -18.64
O4 UPG E . -0.67 -1.42 -15.98
C1C UPG E . 2.27 -2.35 -20.50
C2C UPG E . 1.62 -2.15 -21.87
O2C UPG E . 0.98 -3.35 -22.27
C3C UPG E . 2.85 -1.85 -22.73
C4C UPG E . 3.68 -0.99 -21.79
O4C UPG E . 3.34 -1.43 -20.45
O3C UPG E . 3.54 -3.05 -23.02
C5C UPG E . 3.47 0.50 -21.90
O5C UPG E . 4.16 0.99 -23.04
PA UPG E . 3.54 2.09 -24.01
O1A UPG E . 4.63 2.49 -24.92
O2A UPG E . 2.28 1.55 -24.58
O3A UPG E . 3.14 3.32 -23.01
PB UPG E . 4.07 4.26 -22.06
O1B UPG E . 3.60 5.65 -22.22
O2B UPG E . 4.06 3.64 -20.72
O3B UPG E . 5.53 4.13 -22.72
C1' UPG E . 6.55 5.18 -22.81
C2' UPG E . 6.20 6.34 -23.73
C3' UPG E . 5.88 5.76 -25.12
C4' UPG E . 7.09 4.98 -25.65
C5' UPG E . 7.61 3.95 -24.62
C6' UPG E . 8.95 3.36 -24.99
O2' UPG E . 5.11 7.10 -23.22
O3' UPG E . 5.51 6.79 -26.02
O4' UPG E . 6.72 4.29 -26.84
O5' UPG E . 7.76 4.56 -23.29
O6' UPG E . 9.62 4.15 -25.98
C1 GOL F . 35.60 5.85 -28.96
O1 GOL F . 35.71 7.31 -28.32
C2 GOL F . 34.53 5.32 -29.44
O2 GOL F . 33.87 6.21 -30.20
C3 GOL F . 33.78 4.91 -28.46
O3 GOL F . 32.66 3.78 -28.55
C1 GOL G . 34.53 6.78 -33.24
O1 GOL G . 35.77 7.76 -33.06
C2 GOL G . 34.53 5.65 -33.90
O2 GOL G . 33.26 5.29 -34.18
C3 GOL G . 35.11 4.73 -33.17
O3 GOL G . 35.99 3.53 -33.73
C1 PEG H . 21.52 -16.55 -21.93
O1 PEG H . 21.73 -15.77 -23.13
C2 PEG H . 20.30 -16.07 -21.12
O2 PEG H . 20.64 -15.02 -20.20
C3 PEG H . 19.95 -15.06 -18.93
C4 PEG H . 20.11 -13.74 -18.14
O4 PEG H . 20.62 -13.97 -16.81
N1 UDP I . -0.56 -7.68 24.46
C2 UDP I . -0.10 -8.88 24.93
N3 UDP I . 0.66 -9.61 24.04
C4 UDP I . 0.99 -9.24 22.75
C5 UDP I . 0.50 -7.95 22.35
C6 UDP I . -0.25 -7.24 23.20
O2 UDP I . -0.33 -9.27 26.07
O4 UDP I . 1.64 -10.01 22.06
C1' UDP I . -1.44 -6.93 25.35
C2' UDP I . -0.92 -5.59 25.85
O2' UDP I . -0.03 -5.76 26.95
C3' UDP I . -2.23 -4.94 26.26
C4' UDP I . -3.17 -5.39 25.15
O4' UDP I . -2.63 -6.64 24.66
O3' UDP I . -2.64 -5.47 27.53
C5' UDP I . -3.34 -4.44 23.99
O5' UDP I . -4.11 -3.31 24.39
PA UDP I . -3.70 -1.84 23.96
O1A UDP I . -4.88 -0.97 24.18
O2A UDP I . -2.41 -1.48 24.61
O3A UDP I . -3.39 -1.97 22.36
PB UDP I . -4.35 -2.47 21.14
O1B UDP I . -4.26 -1.44 20.08
O2B UDP I . -4.04 -3.88 20.83
O3B UDP I . -5.81 -2.40 21.79
C1 GOL J . -7.80 0.40 23.99
O1 GOL J . -6.48 1.11 23.50
C2 GOL J . -8.27 -0.73 23.55
O2 GOL J . -8.30 -0.73 22.21
C3 GOL J . -9.47 -0.86 24.03
O3 GOL J . -10.76 -0.18 23.43
C1 GOL K . 2.64 13.59 15.74
O1 GOL K . 3.91 13.83 16.66
C2 GOL K . 2.00 12.46 15.62
O2 GOL K . 2.42 11.79 14.53
C3 GOL K . 0.72 12.71 15.54
O3 GOL K . -0.26 12.21 14.40
C1 PEG L . 9.22 -11.33 9.68
O1 PEG L . 8.12 -10.62 10.30
C2 PEG L . 10.15 -11.96 10.73
O2 PEG L . 11.50 -11.47 10.60
C3 PEG L . 12.44 -12.43 10.08
C4 PEG L . 13.84 -11.82 9.92
O4 PEG L . 14.29 -11.85 8.55
#